data_7Q9A
#
_entry.id   7Q9A
#
_cell.length_a   122.019
_cell.length_b   122.019
_cell.length_c   82.418
_cell.angle_alpha   90.000
_cell.angle_beta   90.000
_cell.angle_gamma   90.000
#
_symmetry.space_group_name_H-M   'P 43'
#
loop_
_entity.id
_entity.type
_entity.pdbx_description
1 polymer 'MHC class I antigen'
2 polymer Beta-2-microglobulin
3 polymer LEU-LEU-LEU-GLY-ILE-GLY-ILE-LEU-VAL-LEU
4 polymer 'Human Mel5 T Cell Receptor, Alpha Chain'
5 polymer 'Human Mel5 T Cell Receptor, Beta Chain'
6 non-polymer GLYCEROL
7 water water
#
loop_
_entity_poly.entity_id
_entity_poly.type
_entity_poly.pdbx_seq_one_letter_code
_entity_poly.pdbx_strand_id
1 'polypeptide(L)'
;GSHSMRYFFTSVSRPGRGEPRFIAVGYVDDTQFVRFDSDAASQRMEPRAPWIEQEGPEYWDGETRKVKAHSQTHRVDLGT
LRGYYNQSEAGSHTVQRMYGCDVGSDWRFLRGYHQYAYDGKDYIALKEDLRSWTAADMAAQTTKHKWEAAHVAEQLRAYL
EGTCVEWLRRYLENGKETLQRTDAPKTHMTHHAVSDHEATLRCWALSFYPAEITLTWQRDGEDQTQDTELVETRPAGDGT
FQKWAAVVVPSGQEQRYTCHVQHEGLPKPLTLRWEP
;
A
2 'polypeptide(L)'
;MIQRTPKIQVYSRHPAENGKSNFLNCYVSGFHPSDIEVDLLKNGERIEKVEHSDLSFSKDWSFYLLYYTEFTPTEKDEYA
CRVNHVTLSQPKIVKWDRDM
;
B
3 'polypeptide(L)' LLLGIGILVL C
4 'polypeptide(L)'
;QEVEQNSGPLSVPEGAIASLNCTYSDRGSQSFFWYRQYSGKSPELIMFIYSNGDKEDGRFTAQLNKASQYVSLLIRDSQP
SDSATYLCAVNVAGKSTFGDGTTLTVKPNIQNPDPAVYQLRDSKSSDKSVCLFTDFDSQTNVSQSKDSDVYITDKCVLDM
RSMDFKSNSAVAWSNKSDFACANAFNNSIIPEDTFFPSP
;
D
5 'polypeptide(L)'
;SQTIHQWPATLVQPVGSPLSLECTVEGTSNPNLYWYRQAAGRGLQLLFYSVGIGQISSEVPQNLSASRPQDRQFILSSKK
LLLSDSGFYLCAWSETGLGTGELFFGEGSRLTVLEDLKNVFPPEVAVFEPSEAEISHTQKATLVCLATGFYPDHVELSWW
VNGKEVHSGVCTDPQPLKEQPALNDSRYALSSRLRVSATFWQDPRNHFRCQVQFYGLSENDEWTQDRAKPVTQIVSAEAW
GRAD
;
E
#
# COMPACT_ATOMS: atom_id res chain seq x y z
N GLY A 1 -23.82 19.90 16.97
CA GLY A 1 -23.77 20.05 15.50
C GLY A 1 -23.38 18.74 14.86
N SER A 2 -24.03 18.41 13.73
CA SER A 2 -23.55 17.44 12.71
C SER A 2 -22.30 17.99 12.02
N HIS A 3 -21.48 17.10 11.47
CA HIS A 3 -20.18 17.41 10.87
C HIS A 3 -20.00 16.48 9.67
N SER A 4 -19.12 16.85 8.76
CA SER A 4 -18.78 16.05 7.57
C SER A 4 -17.29 16.20 7.31
N MET A 5 -16.69 15.16 6.74
CA MET A 5 -15.42 15.25 6.01
C MET A 5 -15.70 14.90 4.54
N ARG A 6 -15.11 15.66 3.61
CA ARG A 6 -15.29 15.42 2.14
C ARG A 6 -13.97 15.65 1.39
N TYR A 7 -13.69 14.79 0.43
CA TYR A 7 -12.59 15.00 -0.54
C TYR A 7 -13.22 15.13 -1.92
N PHE A 8 -12.76 16.14 -2.67
CA PHE A 8 -13.20 16.54 -4.03
C PHE A 8 -12.00 16.45 -4.96
N PHE A 9 -12.12 15.66 -6.02
CA PHE A 9 -11.03 15.45 -7.01
C PHE A 9 -11.57 15.87 -8.38
N THR A 10 -10.82 16.71 -9.08
CA THR A 10 -11.05 17.10 -10.49
C THR A 10 -9.78 16.77 -11.30
N SER A 11 -9.92 16.04 -12.41
CA SER A 11 -8.89 15.94 -13.48
C SER A 11 -9.47 16.38 -14.81
N VAL A 12 -8.69 17.20 -15.52
CA VAL A 12 -9.08 17.77 -16.83
C VAL A 12 -7.99 17.38 -17.83
N SER A 13 -8.31 16.60 -18.85
CA SER A 13 -7.36 16.33 -19.95
C SER A 13 -7.07 17.63 -20.67
N ARG A 14 -5.88 17.70 -21.24
CA ARG A 14 -5.47 18.83 -22.10
C ARG A 14 -4.48 18.33 -23.13
N PRO A 15 -4.97 17.64 -24.18
CA PRO A 15 -4.12 17.10 -25.25
C PRO A 15 -3.18 18.17 -25.82
N GLY A 16 -1.90 17.80 -25.99
CA GLY A 16 -0.81 18.67 -26.50
C GLY A 16 -0.36 19.71 -25.49
N ARG A 17 -0.82 19.65 -24.24
CA ARG A 17 -0.31 20.48 -23.12
C ARG A 17 0.04 19.50 -21.99
N GLY A 18 0.46 18.29 -22.35
CA GLY A 18 0.95 17.26 -21.41
C GLY A 18 -0.15 16.68 -20.51
N GLU A 19 0.21 16.32 -19.29
CA GLU A 19 -0.61 15.43 -18.43
C GLU A 19 -1.82 16.17 -17.84
N PRO A 20 -2.91 15.44 -17.56
CA PRO A 20 -4.11 16.04 -16.98
C PRO A 20 -3.80 16.97 -15.80
N ARG A 21 -4.49 18.10 -15.76
CA ARG A 21 -4.53 18.96 -14.56
C ARG A 21 -5.29 18.17 -13.48
N PHE A 22 -4.71 17.94 -12.33
CA PHE A 22 -5.39 17.25 -11.19
C PHE A 22 -5.41 18.15 -9.96
N ILE A 23 -6.59 18.34 -9.37
CA ILE A 23 -6.74 19.15 -8.14
C ILE A 23 -7.59 18.39 -7.15
N ALA A 24 -7.07 18.24 -5.92
CA ALA A 24 -7.76 17.59 -4.79
C ALA A 24 -7.89 18.57 -3.66
N VAL A 25 -9.06 18.64 -3.04
CA VAL A 25 -9.24 19.40 -1.78
C VAL A 25 -9.97 18.54 -0.76
N GLY A 26 -9.53 18.63 0.48
CA GLY A 26 -10.25 18.07 1.63
C GLY A 26 -10.93 19.18 2.40
N TYR A 27 -12.11 18.88 2.94
CA TYR A 27 -12.93 19.76 3.80
C TYR A 27 -13.37 19.03 5.06
N VAL A 28 -13.42 19.79 6.15
CA VAL A 28 -14.19 19.41 7.35
C VAL A 28 -15.28 20.47 7.47
N ASP A 29 -16.55 20.06 7.42
CA ASP A 29 -17.69 21.00 7.35
C ASP A 29 -17.34 21.96 6.20
N ASP A 30 -17.37 23.27 6.44
CA ASP A 30 -17.14 24.33 5.41
C ASP A 30 -15.73 24.92 5.50
N THR A 31 -14.77 24.18 6.06
CA THR A 31 -13.36 24.62 6.18
C THR A 31 -12.49 23.67 5.37
N GLN A 32 -11.75 24.22 4.42
CA GLN A 32 -10.77 23.44 3.62
C GLN A 32 -9.55 23.21 4.50
N PHE A 33 -8.98 22.01 4.46
CA PHE A 33 -7.82 21.69 5.32
C PHE A 33 -6.64 21.14 4.53
N VAL A 34 -6.83 20.64 3.30
CA VAL A 34 -5.67 20.17 2.49
C VAL A 34 -5.95 20.44 1.03
N ARG A 35 -4.90 20.39 0.23
CA ARG A 35 -5.07 20.29 -1.23
C ARG A 35 -3.81 19.78 -1.90
N PHE A 36 -4.00 19.38 -3.14
CA PHE A 36 -2.92 18.96 -4.04
C PHE A 36 -3.26 19.53 -5.40
N ASP A 37 -2.30 20.19 -6.03
CA ASP A 37 -2.44 20.67 -7.42
C ASP A 37 -1.22 20.16 -8.20
N SER A 38 -1.46 19.31 -9.19
CA SER A 38 -0.43 18.73 -10.07
C SER A 38 0.40 19.84 -10.73
N ASP A 39 -0.13 21.07 -10.92
CA ASP A 39 0.66 22.15 -11.56
C ASP A 39 1.49 22.95 -10.54
N ALA A 40 1.39 22.70 -9.24
CA ALA A 40 2.25 23.48 -8.31
C ALA A 40 3.62 22.81 -8.20
N ALA A 41 4.59 23.54 -7.65
CA ALA A 41 6.00 23.12 -7.54
C ALA A 41 6.16 22.03 -6.47
N SER A 42 5.40 22.03 -5.37
CA SER A 42 5.66 21.09 -4.24
C SER A 42 5.53 19.62 -4.68
N GLN A 43 4.53 19.27 -5.49
CA GLN A 43 4.15 17.86 -5.81
C GLN A 43 3.86 17.11 -4.49
N ARG A 44 3.27 17.82 -3.53
CA ARG A 44 2.92 17.32 -2.19
C ARG A 44 1.49 17.71 -1.84
N MET A 45 0.82 16.91 -1.01
CA MET A 45 -0.37 17.35 -0.27
C MET A 45 0.09 18.48 0.66
N GLU A 46 -0.68 19.55 0.80
CA GLU A 46 -0.23 20.75 1.54
C GLU A 46 -1.34 21.15 2.49
N PRO A 47 -0.98 21.67 3.68
CA PRO A 47 -1.97 22.14 4.64
C PRO A 47 -2.69 23.43 4.22
N ARG A 48 -3.97 23.57 4.60
CA ARG A 48 -4.79 24.77 4.29
C ARG A 48 -5.62 25.21 5.51
N ALA A 49 -5.41 24.61 6.68
CA ALA A 49 -5.94 25.09 7.96
C ALA A 49 -4.86 24.89 9.02
N PRO A 50 -4.76 25.76 10.04
CA PRO A 50 -3.69 25.66 11.04
C PRO A 50 -3.69 24.35 11.83
N TRP A 51 -4.86 23.77 12.12
CA TRP A 51 -4.99 22.55 12.97
C TRP A 51 -4.52 21.27 12.25
N ILE A 52 -4.37 21.23 10.91
CA ILE A 52 -3.83 20.02 10.21
C ILE A 52 -2.30 20.06 10.24
N GLU A 53 -1.70 21.21 10.57
CA GLU A 53 -0.21 21.37 10.59
C GLU A 53 0.37 20.57 11.76
N GLN A 54 -0.42 20.33 12.81
CA GLN A 54 -0.06 19.41 13.93
C GLN A 54 0.38 18.04 13.41
N GLU A 55 -0.07 17.60 12.24
CA GLU A 55 0.25 16.24 11.72
C GLU A 55 1.72 16.22 11.29
N GLY A 56 2.42 15.12 11.57
CA GLY A 56 3.89 14.95 11.37
C GLY A 56 4.24 14.54 9.95
N PRO A 57 5.54 14.49 9.61
CA PRO A 57 5.98 14.12 8.26
C PRO A 57 5.37 12.84 7.67
N GLU A 58 5.01 11.84 8.48
CA GLU A 58 4.44 10.57 7.94
C GLU A 58 3.05 10.82 7.35
N TYR A 59 2.26 11.68 7.98
CA TYR A 59 0.95 12.09 7.45
C TYR A 59 1.14 12.64 6.03
N TRP A 60 1.99 13.65 5.88
CA TRP A 60 2.21 14.39 4.60
C TRP A 60 2.80 13.47 3.53
N ASP A 61 3.83 12.68 3.84
CA ASP A 61 4.36 11.62 2.93
C ASP A 61 3.22 10.68 2.53
N GLY A 62 2.41 10.22 3.49
CA GLY A 62 1.35 9.25 3.20
C GLY A 62 0.29 9.84 2.31
N GLU A 63 -0.22 11.03 2.66
CA GLU A 63 -1.34 11.66 1.91
C GLU A 63 -0.82 12.08 0.52
N THR A 64 0.45 12.48 0.41
CA THR A 64 1.10 12.75 -0.90
C THR A 64 1.10 11.47 -1.73
N ARG A 65 1.55 10.36 -1.16
CA ARG A 65 1.61 9.04 -1.86
C ARG A 65 0.18 8.67 -2.33
N LYS A 66 -0.82 8.82 -1.47
CA LYS A 66 -2.19 8.38 -1.81
C LYS A 66 -2.81 9.33 -2.82
N VAL A 67 -2.64 10.64 -2.67
CA VAL A 67 -3.30 11.60 -3.60
C VAL A 67 -2.74 11.35 -5.02
N LYS A 68 -1.47 10.96 -5.15
CA LYS A 68 -0.87 10.69 -6.49
C LYS A 68 -1.46 9.40 -7.05
N ALA A 69 -1.80 8.45 -6.21
CA ALA A 69 -2.38 7.20 -6.74
C ALA A 69 -3.79 7.51 -7.22
N HIS A 70 -4.52 8.40 -6.55
CA HIS A 70 -5.85 8.87 -7.01
C HIS A 70 -5.66 9.56 -8.39
N SER A 71 -4.71 10.47 -8.51
CA SER A 71 -4.42 11.22 -9.76
C SER A 71 -4.16 10.23 -10.91
N GLN A 72 -3.34 9.22 -10.66
CA GLN A 72 -3.01 8.17 -11.64
C GLN A 72 -4.25 7.38 -12.06
N THR A 73 -5.17 7.11 -11.13
CA THR A 73 -6.47 6.45 -11.45
C THR A 73 -7.27 7.32 -12.44
N HIS A 74 -7.39 8.62 -12.19
CA HIS A 74 -8.14 9.56 -13.07
C HIS A 74 -7.50 9.63 -14.47
N ARG A 75 -6.17 9.54 -14.57
CA ARG A 75 -5.46 9.62 -15.88
C ARG A 75 -5.91 8.45 -16.74
N VAL A 76 -5.90 7.26 -16.15
CA VAL A 76 -6.33 6.03 -16.86
C VAL A 76 -7.79 6.19 -17.26
N ASP A 77 -8.62 6.58 -16.29
CA ASP A 77 -10.07 6.79 -16.45
C ASP A 77 -10.36 7.75 -17.61
N LEU A 78 -9.63 8.86 -17.73
CA LEU A 78 -9.93 9.81 -18.84
C LEU A 78 -9.72 9.08 -20.18
N GLY A 79 -8.69 8.21 -20.27
CA GLY A 79 -8.41 7.43 -21.48
C GLY A 79 -9.53 6.45 -21.72
N THR A 80 -9.95 5.75 -20.68
CA THR A 80 -10.97 4.66 -20.80
C THR A 80 -12.27 5.24 -21.31
N LEU A 81 -12.67 6.37 -20.72
CA LEU A 81 -13.97 7.01 -20.99
C LEU A 81 -14.02 7.56 -22.42
N ARG A 82 -12.93 8.15 -22.93
N ARG A 82 -12.91 8.12 -22.93
CA ARG A 82 -12.84 8.56 -24.36
CA ARG A 82 -12.79 8.57 -24.36
C ARG A 82 -13.18 7.36 -25.23
C ARG A 82 -13.13 7.37 -25.24
N GLY A 83 -12.77 6.17 -24.78
CA GLY A 83 -13.08 4.90 -25.45
C GLY A 83 -14.54 4.56 -25.29
N TYR A 84 -15.05 4.46 -24.07
CA TYR A 84 -16.47 4.07 -23.85
C TYR A 84 -17.36 4.97 -24.69
N TYR A 85 -17.09 6.29 -24.74
CA TYR A 85 -17.97 7.31 -25.37
C TYR A 85 -17.51 7.61 -26.78
N ASN A 86 -16.54 6.88 -27.28
CA ASN A 86 -16.21 7.02 -28.72
C ASN A 86 -15.81 8.46 -29.06
N GLN A 87 -14.90 9.05 -28.29
CA GLN A 87 -14.50 10.47 -28.44
C GLN A 87 -13.09 10.56 -29.03
N SER A 88 -12.81 11.68 -29.67
CA SER A 88 -11.51 12.02 -30.28
C SER A 88 -10.48 12.30 -29.19
N GLU A 89 -9.23 12.44 -29.61
CA GLU A 89 -8.10 12.84 -28.74
C GLU A 89 -8.04 14.37 -28.65
N ALA A 90 -8.91 15.11 -29.35
CA ALA A 90 -8.76 16.57 -29.51
C ALA A 90 -9.31 17.30 -28.27
N GLY A 91 -10.37 16.76 -27.68
CA GLY A 91 -11.15 17.51 -26.69
C GLY A 91 -10.53 17.45 -25.31
N SER A 92 -10.78 18.48 -24.52
CA SER A 92 -10.62 18.47 -23.04
C SER A 92 -11.83 17.78 -22.40
N HIS A 93 -11.60 16.85 -21.49
CA HIS A 93 -12.66 16.18 -20.70
C HIS A 93 -12.33 16.23 -19.21
N THR A 94 -13.36 16.16 -18.38
CA THR A 94 -13.30 16.31 -16.91
C THR A 94 -13.81 15.02 -16.27
N VAL A 95 -13.03 14.46 -15.35
CA VAL A 95 -13.53 13.44 -14.38
C VAL A 95 -13.54 14.12 -13.00
N GLN A 96 -14.56 13.81 -12.20
CA GLN A 96 -14.72 14.28 -10.81
C GLN A 96 -15.07 13.09 -9.91
N ARG A 97 -14.48 13.07 -8.73
CA ARG A 97 -14.77 12.09 -7.66
C ARG A 97 -15.01 12.89 -6.38
N MET A 98 -16.03 12.52 -5.63
CA MET A 98 -16.31 13.11 -4.29
C MET A 98 -16.58 11.92 -3.37
N TYR A 99 -15.99 11.94 -2.19
CA TYR A 99 -16.35 10.96 -1.14
C TYR A 99 -16.19 11.56 0.25
N GLY A 100 -16.80 10.91 1.22
CA GLY A 100 -16.68 11.30 2.63
C GLY A 100 -17.83 10.79 3.44
N CYS A 101 -17.94 11.28 4.68
CA CYS A 101 -18.87 10.78 5.71
C CYS A 101 -19.45 11.95 6.49
N ASP A 102 -20.72 11.82 6.89
CA ASP A 102 -21.41 12.70 7.86
C ASP A 102 -21.51 11.97 9.21
N VAL A 103 -21.43 12.72 10.30
CA VAL A 103 -21.70 12.25 11.68
C VAL A 103 -22.65 13.25 12.32
N GLY A 104 -23.40 12.76 13.31
CA GLY A 104 -24.43 13.51 14.06
C GLY A 104 -23.82 14.25 15.23
N SER A 105 -24.63 14.86 16.08
CA SER A 105 -24.12 15.67 17.21
C SER A 105 -23.46 14.77 18.25
N ASP A 106 -23.65 13.45 18.14
CA ASP A 106 -22.97 12.43 18.99
C ASP A 106 -21.66 11.96 18.31
N TRP A 107 -21.28 12.61 17.21
CA TRP A 107 -20.13 12.27 16.32
C TRP A 107 -20.17 10.80 15.85
N ARG A 108 -21.34 10.16 15.81
CA ARG A 108 -21.48 8.80 15.23
C ARG A 108 -21.87 8.88 13.75
N PHE A 109 -21.45 7.88 12.99
CA PHE A 109 -21.76 7.67 11.55
C PHE A 109 -23.25 7.90 11.30
N LEU A 110 -23.55 8.72 10.28
CA LEU A 110 -24.90 8.91 9.71
C LEU A 110 -24.94 8.41 8.26
N ARG A 111 -23.89 8.69 7.48
CA ARG A 111 -24.00 8.50 6.03
C ARG A 111 -22.62 8.55 5.39
N GLY A 112 -22.45 7.72 4.37
CA GLY A 112 -21.25 7.61 3.53
C GLY A 112 -21.60 7.90 2.07
N TYR A 113 -20.62 8.39 1.33
CA TYR A 113 -20.78 8.90 -0.05
C TYR A 113 -19.54 8.52 -0.85
N HIS A 114 -19.72 8.06 -2.09
CA HIS A 114 -18.62 7.93 -3.06
C HIS A 114 -19.22 7.97 -4.45
N GLN A 115 -18.93 9.04 -5.20
CA GLN A 115 -19.64 9.43 -6.43
C GLN A 115 -18.60 9.83 -7.45
N TYR A 116 -18.93 9.65 -8.72
CA TYR A 116 -18.03 9.93 -9.87
C TYR A 116 -18.88 10.60 -10.96
N ALA A 117 -18.34 11.63 -11.60
CA ALA A 117 -18.95 12.32 -12.75
C ALA A 117 -17.96 12.37 -13.92
N TYR A 118 -18.49 12.48 -15.14
CA TYR A 118 -17.72 12.67 -16.41
C TYR A 118 -18.39 13.79 -17.17
N ASP A 119 -17.61 14.81 -17.54
CA ASP A 119 -18.09 15.99 -18.29
C ASP A 119 -19.32 16.61 -17.59
N GLY A 120 -19.28 16.70 -16.25
CA GLY A 120 -20.26 17.43 -15.42
C GLY A 120 -21.56 16.67 -15.14
N LYS A 121 -21.64 15.40 -15.54
CA LYS A 121 -22.85 14.53 -15.41
C LYS A 121 -22.50 13.31 -14.56
N ASP A 122 -23.48 12.82 -13.79
CA ASP A 122 -23.38 11.58 -12.97
C ASP A 122 -22.86 10.44 -13.83
N TYR A 123 -21.87 9.70 -13.35
CA TYR A 123 -21.35 8.47 -14.00
C TYR A 123 -21.76 7.28 -13.12
N ILE A 124 -21.16 7.18 -11.95
CA ILE A 124 -21.46 6.09 -10.97
C ILE A 124 -21.44 6.67 -9.56
N ALA A 125 -22.38 6.21 -8.72
CA ALA A 125 -22.56 6.65 -7.32
C ALA A 125 -22.85 5.45 -6.38
N LEU A 126 -22.15 5.41 -5.25
CA LEU A 126 -22.46 4.43 -4.17
C LEU A 126 -23.78 4.84 -3.54
N LYS A 127 -24.74 3.92 -3.41
CA LYS A 127 -26.02 4.24 -2.72
C LYS A 127 -25.80 4.24 -1.20
N GLU A 128 -26.81 4.68 -0.46
CA GLU A 128 -26.74 4.86 1.01
C GLU A 128 -26.48 3.54 1.76
N ASP A 129 -26.91 2.40 1.19
CA ASP A 129 -26.67 1.04 1.75
C ASP A 129 -25.18 0.72 1.73
N LEU A 130 -24.37 1.53 1.05
CA LEU A 130 -22.91 1.34 0.94
C LEU A 130 -22.61 -0.05 0.38
N ARG A 131 -23.45 -0.57 -0.51
CA ARG A 131 -23.14 -1.82 -1.27
C ARG A 131 -23.71 -1.81 -2.69
N SER A 132 -24.69 -0.97 -3.00
CA SER A 132 -25.35 -0.88 -4.33
C SER A 132 -24.74 0.29 -5.11
N TRP A 133 -24.72 0.20 -6.44
CA TRP A 133 -24.29 1.31 -7.32
C TRP A 133 -25.44 1.81 -8.17
N THR A 134 -25.52 3.12 -8.37
CA THR A 134 -26.32 3.76 -9.45
C THR A 134 -25.39 4.07 -10.63
N ALA A 135 -25.64 3.45 -11.77
CA ALA A 135 -24.89 3.67 -13.03
C ALA A 135 -25.77 4.52 -13.96
N ALA A 136 -25.27 5.69 -14.36
CA ALA A 136 -26.06 6.70 -15.12
C ALA A 136 -26.48 6.18 -16.49
N ASP A 137 -25.71 5.30 -17.14
CA ASP A 137 -25.86 4.92 -18.57
C ASP A 137 -25.17 3.58 -18.86
N MET A 138 -25.19 3.11 -20.10
CA MET A 138 -24.55 1.83 -20.52
C MET A 138 -23.07 1.78 -20.15
N ALA A 139 -22.34 2.88 -20.28
CA ALA A 139 -20.88 2.87 -20.03
C ALA A 139 -20.63 2.63 -18.55
N ALA A 140 -21.41 3.31 -17.70
CA ALA A 140 -21.24 3.22 -16.25
C ALA A 140 -21.60 1.79 -15.78
N GLN A 141 -22.42 1.06 -16.53
CA GLN A 141 -22.85 -0.32 -16.20
C GLN A 141 -21.68 -1.30 -16.35
N THR A 142 -20.78 -1.06 -17.29
CA THR A 142 -19.51 -1.81 -17.44
C THR A 142 -18.66 -1.61 -16.18
N THR A 143 -18.46 -0.36 -15.78
CA THR A 143 -17.78 0.03 -14.53
C THR A 143 -18.46 -0.66 -13.34
N LYS A 144 -19.79 -0.62 -13.28
CA LYS A 144 -20.61 -1.21 -12.20
C LYS A 144 -20.30 -2.71 -12.04
N HIS A 145 -20.33 -3.47 -13.14
CA HIS A 145 -20.06 -4.94 -13.15
C HIS A 145 -18.64 -5.21 -12.63
N LYS A 146 -17.69 -4.37 -13.02
CA LYS A 146 -16.25 -4.54 -12.69
C LYS A 146 -16.03 -4.24 -11.19
N TRP A 147 -16.73 -3.26 -10.67
CA TRP A 147 -16.62 -2.80 -9.27
C TRP A 147 -17.43 -3.73 -8.36
N GLU A 148 -18.45 -4.40 -8.90
CA GLU A 148 -19.18 -5.45 -8.13
C GLU A 148 -18.31 -6.70 -7.99
N ALA A 149 -17.76 -7.18 -9.09
CA ALA A 149 -16.87 -8.36 -9.16
C ALA A 149 -15.70 -8.19 -8.19
N ALA A 150 -15.22 -6.98 -7.96
CA ALA A 150 -14.01 -6.69 -7.12
C ALA A 150 -14.39 -6.25 -5.70
N HIS A 151 -15.68 -6.07 -5.40
CA HIS A 151 -16.18 -5.76 -4.03
C HIS A 151 -15.68 -4.39 -3.62
N VAL A 152 -15.60 -3.43 -4.56
CA VAL A 152 -15.25 -2.01 -4.27
C VAL A 152 -16.17 -1.48 -3.16
N ALA A 153 -17.48 -1.68 -3.21
CA ALA A 153 -18.41 -1.22 -2.14
C ALA A 153 -17.96 -1.72 -0.75
N GLU A 154 -17.53 -2.97 -0.59
CA GLU A 154 -17.08 -3.49 0.74
C GLU A 154 -15.83 -2.74 1.21
N GLN A 155 -14.90 -2.43 0.32
CA GLN A 155 -13.69 -1.67 0.70
C GLN A 155 -14.12 -0.30 1.15
N LEU A 156 -14.98 0.37 0.38
CA LEU A 156 -15.41 1.74 0.69
C LEU A 156 -16.20 1.71 2.02
N ARG A 157 -17.03 0.71 2.23
CA ARG A 157 -17.84 0.67 3.48
C ARG A 157 -16.87 0.73 4.66
N ALA A 158 -15.75 -0.01 4.62
CA ALA A 158 -14.79 -0.09 5.75
C ALA A 158 -14.23 1.30 6.06
N TYR A 159 -13.94 2.09 5.05
CA TYR A 159 -13.40 3.46 5.23
C TYR A 159 -14.53 4.39 5.67
N LEU A 160 -15.67 4.35 5.00
CA LEU A 160 -16.75 5.34 5.21
C LEU A 160 -17.30 5.27 6.62
N GLU A 161 -17.51 4.06 7.15
CA GLU A 161 -18.10 3.87 8.50
C GLU A 161 -17.03 3.88 9.58
N GLY A 162 -15.79 3.54 9.26
CA GLY A 162 -14.73 3.41 10.27
C GLY A 162 -13.74 4.54 10.17
N THR A 163 -12.79 4.42 9.25
CA THR A 163 -11.61 5.31 9.12
C THR A 163 -12.05 6.76 9.01
N CYS A 164 -13.00 7.03 8.14
CA CYS A 164 -13.46 8.41 7.81
C CYS A 164 -14.03 9.02 9.09
N VAL A 165 -14.89 8.32 9.83
CA VAL A 165 -15.52 8.92 11.03
C VAL A 165 -14.45 9.13 12.11
N GLU A 166 -13.54 8.21 12.35
CA GLU A 166 -12.54 8.44 13.43
C GLU A 166 -11.54 9.53 13.04
N TRP A 167 -11.15 9.69 11.77
CA TRP A 167 -10.23 10.80 11.42
C TRP A 167 -10.99 12.13 11.42
N LEU A 168 -12.29 12.11 11.12
CA LEU A 168 -13.16 13.30 11.27
C LEU A 168 -13.15 13.68 12.74
N ARG A 169 -13.34 12.70 13.63
CA ARG A 169 -13.41 12.95 15.11
C ARG A 169 -12.06 13.51 15.56
N ARG A 170 -10.95 13.03 15.01
CA ARG A 170 -9.60 13.51 15.39
C ARG A 170 -9.45 14.98 14.96
N TYR A 171 -9.92 15.31 13.77
CA TYR A 171 -9.80 16.68 13.23
C TYR A 171 -10.67 17.63 14.06
N LEU A 172 -11.89 17.20 14.42
CA LEU A 172 -12.84 18.05 15.18
C LEU A 172 -12.27 18.35 16.58
N GLU A 173 -11.44 17.47 17.12
CA GLU A 173 -10.76 17.64 18.44
C GLU A 173 -9.54 18.54 18.23
N ASN A 174 -8.64 18.20 17.31
CA ASN A 174 -7.36 18.95 17.14
C ASN A 174 -7.67 20.36 16.65
N GLY A 175 -8.76 20.54 15.92
CA GLY A 175 -9.18 21.84 15.37
C GLY A 175 -10.34 22.42 16.12
N LYS A 176 -10.52 22.00 17.37
CA LYS A 176 -11.64 22.39 18.25
C LYS A 176 -11.90 23.89 18.14
N GLU A 177 -10.86 24.75 18.07
CA GLU A 177 -11.02 26.22 18.23
C GLU A 177 -11.65 26.84 16.97
N THR A 178 -11.37 26.26 15.80
CA THR A 178 -11.88 26.60 14.46
C THR A 178 -13.24 25.90 14.25
N LEU A 179 -13.20 24.57 14.21
CA LEU A 179 -14.25 23.69 13.63
C LEU A 179 -15.49 23.63 14.52
N GLN A 180 -15.35 23.80 15.82
CA GLN A 180 -16.50 23.73 16.75
C GLN A 180 -16.86 25.13 17.21
N ARG A 181 -16.20 26.16 16.69
CA ARG A 181 -16.62 27.58 16.87
C ARG A 181 -18.02 27.66 16.28
N THR A 182 -18.81 28.62 16.73
CA THR A 182 -20.09 28.97 16.09
C THR A 182 -20.17 30.51 16.12
N ASP A 183 -19.75 31.18 15.03
CA ASP A 183 -19.80 32.66 14.90
C ASP A 183 -21.22 33.08 14.48
N ALA A 184 -21.95 33.73 15.39
CA ALA A 184 -23.31 34.28 15.15
C ALA A 184 -23.21 35.37 14.08
N PRO A 185 -24.19 35.47 13.17
CA PRO A 185 -24.15 36.51 12.13
C PRO A 185 -24.42 37.92 12.66
N LYS A 186 -23.51 38.87 12.43
CA LYS A 186 -23.79 40.33 12.53
C LYS A 186 -24.82 40.69 11.46
N THR A 187 -26.03 41.10 11.84
CA THR A 187 -27.11 41.43 10.88
C THR A 187 -27.28 42.95 10.82
N HIS A 188 -28.05 43.42 9.82
CA HIS A 188 -28.47 44.83 9.60
C HIS A 188 -29.41 44.88 8.38
N MET A 189 -29.84 46.08 7.98
CA MET A 189 -30.96 46.31 7.03
C MET A 189 -30.67 47.50 6.11
N THR A 190 -30.96 47.35 4.81
CA THR A 190 -30.84 48.40 3.74
C THR A 190 -32.22 48.62 3.11
N HIS A 191 -32.49 49.83 2.58
CA HIS A 191 -33.85 50.31 2.22
C HIS A 191 -33.94 50.68 0.73
N HIS A 192 -32.94 50.34 -0.09
CA HIS A 192 -32.80 50.80 -1.50
C HIS A 192 -34.14 50.63 -2.24
N ALA A 193 -34.97 51.67 -2.22
CA ALA A 193 -36.41 51.61 -2.57
C ALA A 193 -36.80 52.82 -3.43
N VAL A 194 -36.22 52.93 -4.63
CA VAL A 194 -36.34 54.15 -5.49
C VAL A 194 -37.53 54.02 -6.48
N SER A 195 -38.61 53.32 -6.08
CA SER A 195 -39.95 53.27 -6.77
C SER A 195 -40.96 54.14 -6.01
N ASP A 196 -42.00 54.63 -6.70
CA ASP A 196 -43.06 55.52 -6.12
C ASP A 196 -43.88 54.75 -5.07
N HIS A 197 -44.48 53.62 -5.44
CA HIS A 197 -45.42 52.82 -4.60
C HIS A 197 -44.68 51.69 -3.86
N GLU A 198 -43.53 51.24 -4.38
CA GLU A 198 -42.86 49.98 -3.96
C GLU A 198 -41.50 50.31 -3.33
N ALA A 199 -41.21 49.67 -2.19
CA ALA A 199 -39.88 49.65 -1.52
C ALA A 199 -39.33 48.22 -1.55
N THR A 200 -38.01 48.04 -1.64
CA THR A 200 -37.33 46.72 -1.57
C THR A 200 -36.37 46.71 -0.37
N LEU A 201 -36.56 45.77 0.56
CA LEU A 201 -35.80 45.68 1.84
C LEU A 201 -34.87 44.45 1.82
N ARG A 202 -33.55 44.65 1.78
CA ARG A 202 -32.54 43.55 1.92
C ARG A 202 -32.07 43.48 3.38
N CYS A 203 -32.09 42.27 3.92
CA CYS A 203 -31.76 41.93 5.32
C CYS A 203 -30.46 41.13 5.31
N TRP A 204 -29.37 41.72 5.80
CA TRP A 204 -27.97 41.27 5.66
C TRP A 204 -27.52 40.36 6.82
N ALA A 205 -26.60 39.42 6.54
CA ALA A 205 -26.00 38.50 7.53
C ALA A 205 -24.51 38.31 7.20
N LEU A 206 -23.60 38.93 7.94
CA LEU A 206 -22.13 38.91 7.67
C LEU A 206 -21.38 38.20 8.79
N SER A 207 -20.22 37.63 8.45
CA SER A 207 -19.25 37.07 9.41
C SER A 207 -19.83 35.90 10.24
N PHE A 208 -20.59 34.98 9.63
CA PHE A 208 -21.16 33.82 10.37
C PHE A 208 -20.44 32.53 9.94
N TYR A 209 -20.47 31.53 10.80
CA TYR A 209 -19.95 30.17 10.55
C TYR A 209 -20.67 29.17 11.45
N PRO A 210 -21.08 27.97 10.98
CA PRO A 210 -20.93 27.56 9.58
C PRO A 210 -21.87 28.27 8.59
N ALA A 211 -21.77 27.90 7.31
CA ALA A 211 -22.41 28.57 6.14
C ALA A 211 -23.92 28.38 6.17
N GLU A 212 -24.40 27.33 6.85
CA GLU A 212 -25.84 26.98 7.01
C GLU A 212 -26.58 28.16 7.65
N ILE A 213 -27.61 28.70 7.00
CA ILE A 213 -28.38 29.87 7.52
C ILE A 213 -29.77 29.88 6.86
N THR A 214 -30.76 30.55 7.47
CA THR A 214 -32.12 30.75 6.91
C THR A 214 -32.50 32.24 7.04
N LEU A 215 -32.92 32.87 5.93
CA LEU A 215 -33.37 34.29 5.89
C LEU A 215 -34.82 34.36 5.37
N THR A 216 -35.76 33.94 6.22
CA THR A 216 -37.23 34.13 6.05
C THR A 216 -37.52 35.63 6.10
N TRP A 217 -38.33 36.13 5.17
CA TRP A 217 -39.12 37.38 5.31
C TRP A 217 -40.56 37.02 5.70
N GLN A 218 -41.11 37.69 6.71
CA GLN A 218 -42.48 37.47 7.23
C GLN A 218 -43.26 38.78 7.06
N ARG A 219 -44.60 38.73 7.13
CA ARG A 219 -45.46 39.92 7.03
C ARG A 219 -46.26 40.06 8.34
N ASP A 220 -47.56 40.34 8.24
CA ASP A 220 -48.51 40.53 9.37
C ASP A 220 -48.56 39.24 10.22
N GLY A 221 -48.70 38.09 9.55
CA GLY A 221 -48.58 36.74 10.12
C GLY A 221 -47.96 35.78 9.11
N GLU A 222 -48.76 34.84 8.58
CA GLU A 222 -48.46 33.91 7.44
C GLU A 222 -47.08 33.24 7.61
N ASP A 223 -45.99 34.02 7.51
CA ASP A 223 -44.57 33.61 7.72
C ASP A 223 -43.84 33.61 6.37
N GLN A 224 -44.59 33.57 5.26
CA GLN A 224 -44.06 33.27 3.90
C GLN A 224 -44.17 34.53 3.01
N THR A 225 -43.13 34.77 2.21
CA THR A 225 -43.16 35.48 0.90
C THR A 225 -42.38 34.60 -0.08
N GLN A 226 -43.08 33.76 -0.85
CA GLN A 226 -42.53 32.99 -1.99
C GLN A 226 -41.77 33.94 -2.94
N ASP A 227 -42.05 35.25 -2.84
CA ASP A 227 -41.27 36.37 -3.45
C ASP A 227 -40.26 36.93 -2.45
N THR A 228 -39.19 36.17 -2.14
CA THR A 228 -37.90 36.71 -1.62
C THR A 228 -36.80 36.49 -2.69
N GLU A 229 -35.82 37.38 -2.70
CA GLU A 229 -34.73 37.46 -3.71
C GLU A 229 -33.37 37.37 -2.98
N LEU A 230 -32.97 36.15 -2.60
CA LEU A 230 -31.76 35.85 -1.78
C LEU A 230 -30.61 35.39 -2.69
N VAL A 231 -29.42 35.98 -2.51
CA VAL A 231 -28.18 35.60 -3.26
C VAL A 231 -27.57 34.36 -2.60
N GLU A 232 -26.97 33.47 -3.40
CA GLU A 232 -26.21 32.28 -2.91
C GLU A 232 -25.30 32.78 -1.77
N THR A 233 -25.28 32.05 -0.65
CA THR A 233 -24.32 32.23 0.46
C THR A 233 -22.91 32.27 -0.14
N ARG A 234 -22.06 33.22 0.26
CA ARG A 234 -20.72 33.41 -0.38
C ARG A 234 -19.61 33.46 0.66
N PRO A 235 -18.38 33.04 0.32
CA PRO A 235 -17.26 33.17 1.23
C PRO A 235 -16.86 34.64 1.34
N ALA A 236 -16.68 35.12 2.57
CA ALA A 236 -16.01 36.41 2.90
C ALA A 236 -14.51 36.31 2.59
N GLY A 237 -13.94 35.11 2.64
CA GLY A 237 -12.51 34.85 2.37
C GLY A 237 -11.69 34.79 3.63
N ASP A 238 -12.24 35.15 4.80
CA ASP A 238 -11.52 35.09 6.10
C ASP A 238 -11.88 33.77 6.82
N GLY A 239 -12.75 32.95 6.23
CA GLY A 239 -13.27 31.70 6.80
C GLY A 239 -14.73 31.82 7.22
N THR A 240 -15.32 33.02 7.18
CA THR A 240 -16.76 33.28 7.48
C THR A 240 -17.57 33.41 6.18
N PHE A 241 -18.89 33.54 6.27
CA PHE A 241 -19.86 33.50 5.14
C PHE A 241 -20.83 34.69 5.21
N GLN A 242 -21.29 35.15 4.05
CA GLN A 242 -22.18 36.33 3.89
C GLN A 242 -23.44 35.90 3.12
N LYS A 243 -24.59 36.50 3.42
CA LYS A 243 -25.82 36.26 2.65
C LYS A 243 -26.75 37.45 2.84
N TRP A 244 -27.64 37.69 1.88
CA TRP A 244 -28.85 38.52 2.12
C TRP A 244 -30.05 37.99 1.35
N ALA A 245 -31.24 38.42 1.78
CA ALA A 245 -32.56 38.12 1.18
C ALA A 245 -33.32 39.45 1.03
N ALA A 246 -34.13 39.58 -0.02
CA ALA A 246 -34.87 40.82 -0.42
C ALA A 246 -36.35 40.49 -0.64
N VAL A 247 -37.22 41.38 -0.20
CA VAL A 247 -38.68 41.34 -0.45
C VAL A 247 -39.09 42.75 -0.93
N VAL A 248 -40.03 42.84 -1.88
CA VAL A 248 -40.61 44.12 -2.42
C VAL A 248 -41.95 44.39 -1.71
N VAL A 249 -42.07 45.55 -1.04
CA VAL A 249 -43.22 45.92 -0.14
C VAL A 249 -43.81 47.27 -0.59
N PRO A 250 -45.00 47.68 -0.11
CA PRO A 250 -45.48 49.05 -0.30
C PRO A 250 -44.68 50.11 0.49
N SER A 251 -44.53 51.33 -0.05
CA SER A 251 -43.76 52.46 0.56
C SER A 251 -44.41 52.90 1.88
N GLY A 252 -45.73 52.75 2.00
CA GLY A 252 -46.45 52.92 3.27
C GLY A 252 -46.07 51.84 4.27
N GLN A 253 -46.44 50.58 3.99
CA GLN A 253 -46.39 49.42 4.91
C GLN A 253 -44.93 49.00 5.13
N GLU A 254 -44.05 49.96 5.47
CA GLU A 254 -42.60 49.78 5.74
C GLU A 254 -42.35 48.71 6.81
N GLN A 255 -42.99 48.88 7.97
CA GLN A 255 -42.62 48.26 9.26
C GLN A 255 -43.73 47.29 9.69
N ARG A 256 -44.32 46.58 8.72
CA ARG A 256 -45.30 45.47 8.91
C ARG A 256 -44.63 44.13 8.57
N TYR A 257 -43.37 44.18 8.09
CA TYR A 257 -42.57 43.04 7.57
C TYR A 257 -41.31 42.86 8.45
N THR A 258 -40.96 41.59 8.68
CA THR A 258 -39.95 41.11 9.67
C THR A 258 -39.02 40.07 9.04
N CYS A 259 -37.69 40.27 9.18
CA CYS A 259 -36.64 39.32 8.75
C CYS A 259 -36.31 38.36 9.88
N HIS A 260 -36.51 37.05 9.64
CA HIS A 260 -36.30 35.93 10.60
C HIS A 260 -35.01 35.19 10.25
N VAL A 261 -33.89 35.67 10.81
CA VAL A 261 -32.54 35.05 10.69
C VAL A 261 -32.46 33.84 11.62
N GLN A 262 -31.98 32.70 11.11
CA GLN A 262 -31.79 31.42 11.87
C GLN A 262 -30.38 30.91 11.65
N HIS A 263 -29.60 30.78 12.71
CA HIS A 263 -28.21 30.24 12.64
C HIS A 263 -27.91 29.42 13.90
N GLU A 264 -27.00 28.46 13.79
CA GLU A 264 -26.68 27.54 14.90
C GLU A 264 -26.15 28.35 16.09
N GLY A 265 -25.39 29.42 15.83
CA GLY A 265 -24.66 30.20 16.85
C GLY A 265 -25.50 31.30 17.49
N LEU A 266 -26.76 31.49 17.06
CA LEU A 266 -27.72 32.45 17.69
C LEU A 266 -28.52 31.73 18.76
N PRO A 267 -28.42 32.15 20.05
CA PRO A 267 -29.26 31.59 21.11
C PRO A 267 -30.73 31.46 20.66
N LYS A 268 -31.38 32.59 20.38
CA LYS A 268 -32.78 32.65 19.90
C LYS A 268 -32.77 33.12 18.46
N PRO A 269 -33.71 32.66 17.60
CA PRO A 269 -33.88 33.22 16.26
C PRO A 269 -34.02 34.75 16.30
N LEU A 270 -33.16 35.50 15.61
CA LEU A 270 -33.25 36.99 15.50
C LEU A 270 -34.55 37.35 14.76
N THR A 271 -34.88 38.65 14.70
CA THR A 271 -36.17 39.20 14.23
C THR A 271 -35.99 40.73 14.08
N LEU A 272 -35.72 41.21 12.85
CA LEU A 272 -35.35 42.63 12.54
C LEU A 272 -36.50 43.32 11.79
N ARG A 273 -36.68 44.63 12.01
CA ARG A 273 -37.74 45.46 11.34
C ARG A 273 -37.12 46.82 10.97
N TRP A 274 -37.59 47.46 9.89
CA TRP A 274 -37.02 48.75 9.42
C TRP A 274 -37.07 49.79 10.56
N GLU A 275 -35.90 50.21 11.06
CA GLU A 275 -35.74 51.34 12.01
C GLU A 275 -35.32 52.57 11.21
N PRO A 276 -36.04 53.73 11.31
CA PRO A 276 -35.81 54.88 10.43
C PRO A 276 -34.33 55.16 10.12
N MET B 1 -22.10 15.43 -21.83
CA MET B 1 -21.47 16.75 -21.76
C MET B 1 -22.51 17.72 -21.18
N ILE B 2 -22.28 18.33 -20.04
CA ILE B 2 -23.02 19.58 -19.73
C ILE B 2 -22.03 20.75 -19.56
N GLN B 3 -22.42 21.93 -20.05
CA GLN B 3 -21.78 23.22 -19.67
C GLN B 3 -22.78 24.06 -18.87
N ARG B 4 -22.27 24.81 -17.90
CA ARG B 4 -23.10 25.61 -16.97
C ARG B 4 -22.46 26.99 -16.88
N THR B 5 -23.27 28.00 -17.12
CA THR B 5 -22.91 29.42 -17.07
C THR B 5 -22.56 29.78 -15.65
N PRO B 6 -21.41 30.44 -15.38
CA PRO B 6 -21.10 30.90 -14.04
C PRO B 6 -22.11 31.92 -13.52
N LYS B 7 -22.46 31.82 -12.23
CA LYS B 7 -23.02 32.93 -11.42
C LYS B 7 -21.82 33.76 -10.94
N ILE B 8 -21.97 35.07 -10.82
CA ILE B 8 -20.86 36.01 -10.49
C ILE B 8 -21.33 36.96 -9.39
N GLN B 9 -20.64 37.03 -8.26
CA GLN B 9 -20.88 38.08 -7.25
C GLN B 9 -19.57 38.80 -6.98
N VAL B 10 -19.64 40.13 -6.85
CA VAL B 10 -18.43 40.95 -6.58
C VAL B 10 -18.75 41.80 -5.35
N TYR B 11 -17.88 41.79 -4.35
CA TYR B 11 -18.18 42.28 -2.99
C TYR B 11 -16.87 42.40 -2.19
N SER B 12 -16.93 43.14 -1.08
CA SER B 12 -15.85 43.29 -0.08
C SER B 12 -16.00 42.24 1.03
N ARG B 13 -14.86 41.76 1.55
CA ARG B 13 -14.78 40.87 2.73
C ARG B 13 -15.46 41.55 3.92
N HIS B 14 -15.14 42.81 4.16
CA HIS B 14 -15.68 43.62 5.30
C HIS B 14 -16.51 44.76 4.73
N PRO B 15 -17.42 45.36 5.52
CA PRO B 15 -18.20 46.50 5.05
C PRO B 15 -17.27 47.67 4.66
N ALA B 16 -17.39 48.16 3.42
CA ALA B 16 -16.49 49.15 2.78
C ALA B 16 -16.46 50.47 3.56
N GLU B 17 -15.26 51.05 3.71
CA GLU B 17 -15.02 52.40 4.29
C GLU B 17 -13.76 53.00 3.67
N ASN B 18 -13.87 54.22 3.15
CA ASN B 18 -12.82 54.87 2.33
C ASN B 18 -11.60 55.18 3.21
N GLY B 19 -10.48 54.49 3.00
CA GLY B 19 -9.23 54.69 3.76
C GLY B 19 -8.82 53.44 4.52
N LYS B 20 -9.71 52.44 4.61
CA LYS B 20 -9.43 51.13 5.27
C LYS B 20 -9.18 50.10 4.18
N SER B 21 -7.96 49.51 4.16
CA SER B 21 -7.61 48.33 3.34
C SER B 21 -8.60 47.22 3.68
N ASN B 22 -8.99 46.49 2.65
CA ASN B 22 -10.16 45.58 2.65
C ASN B 22 -9.74 44.46 1.71
N PHE B 23 -10.66 43.57 1.37
CA PHE B 23 -10.47 42.56 0.32
C PHE B 23 -11.63 42.73 -0.70
N LEU B 24 -11.28 42.80 -1.99
CA LEU B 24 -12.24 42.74 -3.10
C LEU B 24 -12.33 41.29 -3.53
N ASN B 25 -13.54 40.72 -3.46
CA ASN B 25 -13.81 39.30 -3.81
C ASN B 25 -14.69 39.24 -5.04
N CYS B 26 -14.29 38.44 -6.03
CA CYS B 26 -15.20 37.96 -7.10
C CYS B 26 -15.41 36.45 -6.95
N TYR B 27 -16.63 36.04 -6.59
CA TYR B 27 -17.07 34.63 -6.40
C TYR B 27 -17.82 34.15 -7.65
N VAL B 28 -17.23 33.18 -8.36
CA VAL B 28 -17.84 32.54 -9.56
C VAL B 28 -18.14 31.10 -9.17
N SER B 29 -19.39 30.68 -9.36
CA SER B 29 -19.95 29.39 -8.90
C SER B 29 -20.93 28.83 -9.93
N GLY B 30 -21.20 27.53 -9.86
CA GLY B 30 -22.25 26.88 -10.66
C GLY B 30 -21.84 26.71 -12.12
N PHE B 31 -20.55 26.73 -12.43
CA PHE B 31 -20.05 26.64 -13.83
C PHE B 31 -19.41 25.27 -14.12
N HIS B 32 -19.42 24.92 -15.38
CA HIS B 32 -18.78 23.69 -15.90
C HIS B 32 -18.56 23.96 -17.39
N PRO B 33 -17.39 23.64 -17.99
CA PRO B 33 -16.21 23.12 -17.29
C PRO B 33 -15.43 24.10 -16.42
N SER B 34 -14.27 23.69 -15.91
CA SER B 34 -13.51 24.38 -14.85
C SER B 34 -12.65 25.52 -15.43
N ASP B 35 -12.19 25.43 -16.68
CA ASP B 35 -11.35 26.49 -17.31
C ASP B 35 -12.24 27.75 -17.32
N ILE B 36 -11.75 28.84 -16.72
CA ILE B 36 -12.51 30.12 -16.59
C ILE B 36 -11.50 31.28 -16.52
N GLU B 37 -11.85 32.45 -17.05
CA GLU B 37 -11.00 33.67 -16.94
C GLU B 37 -11.67 34.67 -16.01
N VAL B 38 -11.01 35.00 -14.90
CA VAL B 38 -11.52 35.99 -13.92
C VAL B 38 -10.42 37.01 -13.69
N ASP B 39 -10.72 38.28 -13.92
CA ASP B 39 -9.81 39.42 -13.68
C ASP B 39 -10.58 40.42 -12.82
N LEU B 40 -9.88 41.02 -11.85
CA LEU B 40 -10.42 42.15 -11.06
C LEU B 40 -9.93 43.44 -11.71
N LEU B 41 -10.85 44.41 -11.86
CA LEU B 41 -10.58 45.70 -12.54
C LEU B 41 -10.65 46.86 -11.54
N LYS B 42 -9.67 47.75 -11.64
CA LYS B 42 -9.55 49.06 -10.97
C LYS B 42 -9.64 50.14 -12.06
N ASN B 43 -10.81 50.75 -12.22
CA ASN B 43 -11.10 51.75 -13.29
C ASN B 43 -10.88 51.14 -14.68
N GLY B 44 -11.33 49.90 -14.93
CA GLY B 44 -11.29 49.27 -16.28
C GLY B 44 -9.94 48.63 -16.60
N GLU B 45 -8.94 48.90 -15.67
CA GLU B 45 -7.57 48.32 -15.73
C GLU B 45 -7.54 46.98 -14.98
N ARG B 46 -6.84 45.99 -15.52
CA ARG B 46 -6.60 44.68 -14.86
C ARG B 46 -5.73 44.90 -13.61
N ILE B 47 -6.09 44.32 -12.46
CA ILE B 47 -5.23 44.31 -11.23
C ILE B 47 -4.35 43.07 -11.33
N GLU B 48 -3.04 43.18 -11.05
CA GLU B 48 -2.05 42.11 -11.34
C GLU B 48 -1.88 41.14 -10.16
N LYS B 49 -2.06 41.62 -8.92
CA LYS B 49 -1.87 40.84 -7.67
C LYS B 49 -3.22 40.30 -7.20
N VAL B 50 -3.66 39.17 -7.77
CA VAL B 50 -5.01 38.59 -7.52
C VAL B 50 -4.83 37.10 -7.27
N GLU B 51 -5.23 36.60 -6.10
CA GLU B 51 -5.10 35.16 -5.75
C GLU B 51 -6.47 34.51 -5.86
N HIS B 52 -6.55 33.19 -5.88
CA HIS B 52 -7.84 32.45 -6.01
C HIS B 52 -7.84 31.17 -5.13
N SER B 53 -9.01 30.81 -4.64
CA SER B 53 -9.28 29.57 -3.87
C SER B 53 -8.88 28.38 -4.72
N ASP B 54 -8.65 27.24 -4.06
CA ASP B 54 -8.41 25.93 -4.69
C ASP B 54 -9.70 25.47 -5.35
N LEU B 55 -9.63 24.84 -6.52
CA LEU B 55 -10.84 24.45 -7.30
C LEU B 55 -11.63 23.40 -6.49
N SER B 56 -12.91 23.66 -6.30
CA SER B 56 -13.82 22.77 -5.57
C SER B 56 -15.16 22.78 -6.31
N PHE B 57 -16.09 21.96 -5.87
CA PHE B 57 -17.38 21.82 -6.59
C PHE B 57 -18.49 21.37 -5.64
N SER B 58 -19.71 21.67 -6.08
CA SER B 58 -20.97 21.43 -5.34
C SER B 58 -21.48 20.00 -5.60
N LYS B 59 -22.58 19.66 -4.93
CA LYS B 59 -23.29 18.37 -5.04
C LYS B 59 -23.53 18.08 -6.52
N ASP B 60 -23.89 19.11 -7.31
CA ASP B 60 -24.28 18.93 -8.73
C ASP B 60 -23.05 18.95 -9.66
N TRP B 61 -21.81 18.91 -9.12
CA TRP B 61 -20.51 18.81 -9.83
C TRP B 61 -20.07 20.16 -10.39
N SER B 62 -20.89 21.20 -10.29
CA SER B 62 -20.57 22.56 -10.81
C SER B 62 -19.50 23.18 -9.92
N PHE B 63 -18.55 23.87 -10.55
CA PHE B 63 -17.33 24.42 -9.91
C PHE B 63 -17.64 25.75 -9.22
N TYR B 64 -16.85 26.07 -8.20
CA TYR B 64 -16.82 27.42 -7.58
C TYR B 64 -15.37 27.81 -7.24
N LEU B 65 -15.09 29.11 -7.38
CA LEU B 65 -13.78 29.75 -7.11
C LEU B 65 -14.02 31.13 -6.52
N LEU B 66 -13.22 31.51 -5.53
CA LEU B 66 -13.10 32.88 -4.96
C LEU B 66 -11.83 33.52 -5.52
N TYR B 67 -11.96 34.63 -6.26
CA TYR B 67 -10.82 35.51 -6.66
C TYR B 67 -10.80 36.71 -5.70
N TYR B 68 -9.62 37.10 -5.22
CA TYR B 68 -9.51 38.17 -4.20
C TYR B 68 -8.18 38.93 -4.35
N THR B 69 -8.20 40.16 -3.88
CA THR B 69 -7.07 41.11 -3.82
C THR B 69 -7.32 42.06 -2.64
N GLU B 70 -6.29 42.53 -1.94
CA GLU B 70 -6.56 43.63 -0.99
C GLU B 70 -6.58 44.92 -1.82
N PHE B 71 -7.49 45.83 -1.43
CA PHE B 71 -7.67 47.17 -2.02
C PHE B 71 -8.05 48.12 -0.88
N THR B 72 -7.73 49.41 -1.03
CA THR B 72 -8.32 50.50 -0.22
C THR B 72 -9.37 51.18 -1.09
N PRO B 73 -10.67 50.89 -0.88
CA PRO B 73 -11.75 51.62 -1.56
C PRO B 73 -11.70 53.14 -1.37
N THR B 74 -12.23 53.89 -2.35
CA THR B 74 -12.46 55.36 -2.28
C THR B 74 -13.84 55.72 -2.84
N GLU B 75 -14.38 56.88 -2.46
CA GLU B 75 -15.50 57.57 -3.15
C GLU B 75 -15.30 57.44 -4.67
N LYS B 76 -14.08 57.71 -5.18
CA LYS B 76 -13.76 57.90 -6.63
C LYS B 76 -13.73 56.56 -7.37
N ASP B 77 -12.80 55.69 -6.98
CA ASP B 77 -12.34 54.51 -7.76
C ASP B 77 -13.52 53.57 -8.03
N GLU B 78 -13.66 53.09 -9.28
CA GLU B 78 -14.66 52.07 -9.71
C GLU B 78 -13.97 50.70 -9.85
N TYR B 79 -14.48 49.67 -9.16
CA TYR B 79 -13.93 48.28 -9.20
C TYR B 79 -14.92 47.38 -9.93
N ALA B 80 -14.41 46.37 -10.64
CA ALA B 80 -15.28 45.36 -11.31
C ALA B 80 -14.63 43.97 -11.35
N CYS B 81 -15.45 42.97 -11.69
CA CYS B 81 -15.03 41.58 -12.05
C CYS B 81 -15.33 41.33 -13.54
N ARG B 82 -14.31 40.96 -14.33
CA ARG B 82 -14.44 40.57 -15.76
C ARG B 82 -14.30 39.03 -15.89
N VAL B 83 -15.37 38.36 -16.31
CA VAL B 83 -15.41 36.88 -16.37
C VAL B 83 -15.70 36.43 -17.80
N ASN B 84 -14.89 35.50 -18.30
CA ASN B 84 -15.17 34.79 -19.58
C ASN B 84 -15.17 33.28 -19.32
N HIS B 85 -16.03 32.59 -20.02
CA HIS B 85 -16.23 31.11 -19.91
C HIS B 85 -16.84 30.68 -21.26
N VAL B 86 -16.58 29.45 -21.71
CA VAL B 86 -17.12 28.97 -23.02
C VAL B 86 -18.64 29.17 -23.06
N THR B 87 -19.35 29.21 -21.92
CA THR B 87 -20.83 29.37 -21.93
C THR B 87 -21.22 30.82 -22.18
N LEU B 88 -20.30 31.79 -22.00
CA LEU B 88 -20.57 33.24 -22.17
C LEU B 88 -20.28 33.61 -23.62
N SER B 89 -21.22 34.22 -24.30
CA SER B 89 -21.06 34.60 -25.70
C SER B 89 -19.97 35.68 -25.79
N GLN B 90 -19.73 36.42 -24.70
CA GLN B 90 -18.66 37.44 -24.59
C GLN B 90 -18.33 37.70 -23.12
N PRO B 91 -17.15 38.30 -22.82
CA PRO B 91 -16.74 38.56 -21.44
C PRO B 91 -17.85 39.30 -20.72
N LYS B 92 -18.12 38.95 -19.47
CA LYS B 92 -19.15 39.60 -18.63
C LYS B 92 -18.45 40.44 -17.56
N ILE B 93 -18.80 41.72 -17.49
CA ILE B 93 -18.26 42.67 -16.48
C ILE B 93 -19.37 42.94 -15.46
N VAL B 94 -19.13 42.60 -14.20
CA VAL B 94 -20.02 42.94 -13.06
C VAL B 94 -19.25 43.95 -12.22
N LYS B 95 -19.79 45.16 -12.05
CA LYS B 95 -19.09 46.23 -11.30
C LYS B 95 -19.35 46.03 -9.80
N TRP B 96 -18.41 46.45 -8.96
CA TRP B 96 -18.57 46.42 -7.48
C TRP B 96 -19.54 47.51 -7.07
N ASP B 97 -20.72 47.13 -6.61
CA ASP B 97 -21.68 48.02 -5.90
C ASP B 97 -21.36 47.92 -4.39
N ARG B 98 -20.89 49.01 -3.81
CA ARG B 98 -20.52 49.14 -2.36
C ARG B 98 -21.67 48.65 -1.46
N ASP B 99 -22.92 48.68 -1.93
CA ASP B 99 -24.12 48.26 -1.14
C ASP B 99 -24.69 46.93 -1.67
N MET B 100 -23.90 46.08 -2.35
CA MET B 100 -24.32 44.73 -2.86
C MET B 100 -23.20 43.68 -2.66
N LEU C 1 -8.31 12.20 6.39
CA LEU C 1 -7.47 11.11 5.86
C LEU C 1 -8.11 10.56 4.58
N LEU C 2 -7.31 10.38 3.54
CA LEU C 2 -7.79 9.88 2.24
C LEU C 2 -8.08 8.38 2.34
N LEU C 3 -8.93 7.91 1.41
CA LEU C 3 -9.06 6.46 1.14
C LEU C 3 -7.71 5.87 0.78
N GLY C 4 -7.47 4.67 1.27
CA GLY C 4 -6.29 3.85 0.98
C GLY C 4 -6.69 2.49 0.47
N ILE C 5 -7.98 2.30 0.25
CA ILE C 5 -8.56 1.14 -0.46
C ILE C 5 -9.74 1.63 -1.29
N GLY C 6 -10.35 0.75 -2.06
CA GLY C 6 -11.58 1.10 -2.80
C GLY C 6 -11.38 2.11 -3.91
N ILE C 7 -10.17 2.34 -4.38
CA ILE C 7 -9.90 3.26 -5.53
C ILE C 7 -9.36 2.37 -6.64
N LEU C 8 -10.24 2.03 -7.59
CA LEU C 8 -9.91 1.23 -8.80
C LEU C 8 -10.22 2.08 -10.04
N VAL C 9 -9.61 1.76 -11.17
CA VAL C 9 -9.92 2.36 -12.50
C VAL C 9 -11.36 1.94 -12.88
N LEU C 10 -12.07 2.85 -13.58
CA LEU C 10 -13.43 2.65 -14.19
C LEU C 10 -13.37 1.53 -15.21
N GLN D 1 7.17 1.02 17.25
CA GLN D 1 7.37 0.25 15.99
C GLN D 1 6.02 -0.02 15.30
N GLU D 2 5.98 0.23 13.99
CA GLU D 2 4.76 0.31 13.14
C GLU D 2 4.03 -1.03 13.02
N VAL D 3 4.76 -2.13 12.87
CA VAL D 3 4.19 -3.48 12.69
C VAL D 3 5.06 -4.43 13.52
N GLU D 4 4.50 -4.97 14.61
N GLU D 4 4.49 -4.94 14.62
CA GLU D 4 5.24 -5.79 15.60
CA GLU D 4 5.15 -5.78 15.65
C GLU D 4 4.65 -7.19 15.61
C GLU D 4 4.60 -7.20 15.52
N GLN D 5 5.49 -8.18 15.32
CA GLN D 5 5.15 -9.61 15.43
C GLN D 5 6.37 -10.29 16.08
N ASN D 6 6.09 -11.23 16.97
CA ASN D 6 7.15 -12.01 17.65
C ASN D 6 7.97 -12.74 16.57
N SER D 7 9.26 -12.93 16.82
CA SER D 7 10.19 -13.58 15.87
C SER D 7 9.94 -15.09 15.79
N GLY D 8 9.55 -15.70 16.90
CA GLY D 8 9.75 -17.15 17.10
C GLY D 8 11.22 -17.53 17.14
N PRO D 9 11.57 -18.81 16.86
CA PRO D 9 10.65 -19.78 16.25
C PRO D 9 9.54 -20.24 17.20
N LEU D 10 8.32 -20.29 16.67
CA LEU D 10 7.11 -20.81 17.33
C LEU D 10 6.98 -22.29 16.91
N SER D 11 7.01 -23.20 17.86
CA SER D 11 6.95 -24.66 17.62
C SER D 11 5.49 -25.12 17.78
N VAL D 12 4.88 -25.80 16.80
CA VAL D 12 3.52 -26.38 17.01
C VAL D 12 3.48 -27.82 16.50
N PRO D 13 2.82 -28.72 17.25
CA PRO D 13 2.75 -30.12 16.85
C PRO D 13 1.91 -30.30 15.57
N GLU D 14 2.31 -31.23 14.72
CA GLU D 14 1.48 -31.68 13.56
C GLU D 14 0.04 -31.90 14.05
N GLY D 15 -0.93 -31.26 13.39
CA GLY D 15 -2.37 -31.44 13.60
C GLY D 15 -2.94 -30.40 14.55
N ALA D 16 -2.14 -29.58 15.22
CA ALA D 16 -2.64 -28.53 16.15
C ALA D 16 -2.79 -27.19 15.42
N ILE D 17 -3.41 -26.23 16.10
CA ILE D 17 -3.70 -24.88 15.54
C ILE D 17 -2.50 -23.99 15.84
N ALA D 18 -1.85 -23.43 14.83
CA ALA D 18 -0.79 -22.40 14.98
C ALA D 18 -1.46 -21.02 15.11
N SER D 19 -1.01 -20.22 16.06
CA SER D 19 -1.51 -18.86 16.35
C SER D 19 -0.42 -17.84 16.06
N LEU D 20 -0.62 -17.01 15.04
CA LEU D 20 0.32 -15.90 14.67
C LEU D 20 -0.41 -14.61 14.99
N ASN D 21 0.31 -13.65 15.54
CA ASN D 21 -0.25 -12.34 15.95
C ASN D 21 0.61 -11.20 15.46
N CYS D 22 -0.02 -10.06 15.35
CA CYS D 22 0.62 -8.89 14.77
C CYS D 22 -0.11 -7.66 15.31
N THR D 23 0.62 -6.64 15.77
CA THR D 23 0.01 -5.37 16.19
C THR D 23 0.57 -4.27 15.30
N TYR D 24 -0.21 -3.23 15.05
CA TYR D 24 0.22 -2.08 14.22
C TYR D 24 -0.11 -0.86 15.04
N SER D 25 0.64 0.23 14.88
CA SER D 25 0.46 1.48 15.66
C SER D 25 -0.30 2.54 14.86
N ASP D 26 -0.35 2.47 13.53
CA ASP D 26 -0.93 3.59 12.74
C ASP D 26 -2.43 3.35 12.48
N ARG D 27 -3.25 4.19 13.07
CA ARG D 27 -4.73 4.12 12.98
C ARG D 27 -5.22 4.61 11.61
N GLY D 28 -4.31 5.04 10.72
CA GLY D 28 -4.58 5.31 9.29
C GLY D 28 -4.65 4.06 8.43
N SER D 29 -4.21 2.90 8.95
CA SER D 29 -4.10 1.61 8.23
C SER D 29 -5.48 1.17 7.76
N GLN D 30 -5.63 0.65 6.53
CA GLN D 30 -6.99 0.40 6.02
C GLN D 30 -7.10 -1.01 5.45
N SER D 31 -6.02 -1.75 5.26
CA SER D 31 -6.13 -3.23 5.04
C SER D 31 -4.86 -3.90 5.54
N PHE D 32 -4.93 -5.22 5.63
CA PHE D 32 -4.05 -6.03 6.52
C PHE D 32 -3.83 -7.38 5.86
N PHE D 33 -2.60 -7.86 5.94
CA PHE D 33 -2.11 -8.97 5.10
C PHE D 33 -1.33 -9.97 5.96
N TRP D 34 -1.43 -11.23 5.57
CA TRP D 34 -0.47 -12.26 5.99
C TRP D 34 0.11 -12.82 4.70
N TYR D 35 1.44 -12.82 4.60
CA TYR D 35 2.23 -13.43 3.53
C TYR D 35 2.99 -14.62 4.12
N ARG D 36 3.20 -15.65 3.33
CA ARG D 36 4.01 -16.80 3.78
C ARG D 36 5.32 -16.79 2.99
N GLN D 37 6.44 -17.03 3.65
CA GLN D 37 7.73 -17.08 2.93
C GLN D 37 8.53 -18.32 3.33
N TYR D 38 8.67 -19.24 2.40
CA TYR D 38 9.62 -20.37 2.47
C TYR D 38 11.04 -19.83 2.33
N SER D 39 11.94 -20.44 3.07
CA SER D 39 13.39 -20.16 3.04
C SER D 39 13.81 -20.15 1.56
N GLY D 40 14.47 -19.07 1.13
CA GLY D 40 15.03 -18.95 -0.22
C GLY D 40 14.07 -18.30 -1.21
N LYS D 41 12.79 -18.23 -0.88
CA LYS D 41 11.72 -17.92 -1.85
C LYS D 41 11.15 -16.53 -1.58
N SER D 42 10.25 -16.09 -2.44
CA SER D 42 9.64 -14.77 -2.25
C SER D 42 8.34 -14.94 -1.51
N PRO D 43 7.86 -13.88 -0.81
CA PRO D 43 6.59 -13.94 -0.08
C PRO D 43 5.39 -14.14 -1.00
N GLU D 44 4.39 -14.85 -0.49
CA GLU D 44 3.18 -15.25 -1.22
C GLU D 44 1.98 -14.96 -0.30
N LEU D 45 0.98 -14.24 -0.79
CA LEU D 45 -0.16 -13.81 0.05
C LEU D 45 -0.88 -15.05 0.59
N ILE D 46 -1.16 -15.08 1.91
CA ILE D 46 -2.06 -16.11 2.50
C ILE D 46 -3.44 -15.50 2.42
N MET D 47 -3.63 -14.34 3.04
CA MET D 47 -4.89 -13.63 2.86
C MET D 47 -4.78 -12.20 3.32
N PHE D 48 -5.75 -11.41 2.92
CA PHE D 48 -5.96 -10.03 3.37
C PHE D 48 -7.31 -9.95 4.04
N ILE D 49 -7.47 -8.89 4.81
CA ILE D 49 -8.71 -8.57 5.57
C ILE D 49 -8.77 -7.06 5.73
N TYR D 50 -9.95 -6.47 5.59
CA TYR D 50 -10.13 -5.01 5.80
C TYR D 50 -11.39 -4.72 6.62
N SER D 51 -12.16 -5.74 7.03
CA SER D 51 -13.39 -5.64 7.89
C SER D 51 -13.10 -6.27 9.26
N ASN D 52 -13.44 -5.60 10.37
CA ASN D 52 -13.41 -6.20 11.72
C ASN D 52 -14.09 -7.58 11.67
N GLY D 53 -13.50 -8.54 12.38
CA GLY D 53 -14.08 -9.88 12.56
C GLY D 53 -13.12 -10.90 12.03
N ASP D 54 -13.64 -12.09 11.74
CA ASP D 54 -12.90 -13.26 11.26
C ASP D 54 -13.16 -13.41 9.75
N LYS D 55 -12.16 -13.90 9.04
CA LYS D 55 -12.24 -14.32 7.63
C LYS D 55 -11.59 -15.70 7.52
N GLU D 56 -12.37 -16.71 7.14
CA GLU D 56 -11.87 -18.10 6.99
C GLU D 56 -11.72 -18.42 5.50
N ASP D 57 -10.62 -19.10 5.17
CA ASP D 57 -10.30 -19.67 3.84
C ASP D 57 -9.59 -21.01 4.03
N GLY D 58 -10.35 -22.10 3.98
CA GLY D 58 -9.89 -23.44 4.35
C GLY D 58 -9.38 -23.46 5.76
N ARG D 59 -8.09 -23.77 5.90
CA ARG D 59 -7.41 -24.03 7.18
C ARG D 59 -7.01 -22.70 7.82
N PHE D 60 -7.16 -21.57 7.13
CA PHE D 60 -6.57 -20.29 7.59
C PHE D 60 -7.71 -19.38 8.03
N THR D 61 -7.59 -18.76 9.18
CA THR D 61 -8.54 -17.70 9.61
C THR D 61 -7.75 -16.47 9.98
N ALA D 62 -8.00 -15.37 9.28
CA ALA D 62 -7.48 -14.04 9.70
C ALA D 62 -8.48 -13.45 10.69
N GLN D 63 -8.01 -12.76 11.73
CA GLN D 63 -8.88 -11.94 12.60
C GLN D 63 -8.32 -10.53 12.67
N LEU D 64 -9.19 -9.53 12.58
CA LEU D 64 -8.81 -8.10 12.63
C LEU D 64 -9.67 -7.47 13.69
N ASN D 65 -9.00 -6.67 14.52
CA ASN D 65 -9.64 -5.82 15.53
C ASN D 65 -9.00 -4.42 15.40
N LYS D 66 -9.70 -3.46 14.80
CA LYS D 66 -9.16 -2.11 14.55
C LYS D 66 -9.15 -1.32 15.86
N ALA D 67 -9.93 -1.69 16.86
CA ALA D 67 -9.93 -1.05 18.20
C ALA D 67 -8.65 -1.40 18.94
N SER D 68 -8.29 -2.69 19.02
CA SER D 68 -7.04 -3.15 19.68
C SER D 68 -5.82 -2.95 18.79
N GLN D 69 -6.03 -2.82 17.49
CA GLN D 69 -4.96 -2.71 16.47
C GLN D 69 -4.21 -4.05 16.41
N TYR D 70 -4.91 -5.17 16.23
CA TYR D 70 -4.23 -6.47 16.07
C TYR D 70 -4.84 -7.25 14.90
N VAL D 71 -3.97 -7.96 14.20
CA VAL D 71 -4.31 -8.94 13.14
C VAL D 71 -3.79 -10.29 13.58
N SER D 72 -4.62 -11.33 13.59
CA SER D 72 -4.14 -12.72 13.84
C SER D 72 -4.33 -13.57 12.60
N LEU D 73 -3.57 -14.64 12.56
CA LEU D 73 -3.76 -15.76 11.64
C LEU D 73 -3.75 -17.04 12.49
N LEU D 74 -4.79 -17.84 12.31
CA LEU D 74 -4.93 -19.19 12.87
C LEU D 74 -4.81 -20.18 11.73
N ILE D 75 -4.00 -21.22 11.92
CA ILE D 75 -3.84 -22.32 10.93
C ILE D 75 -4.30 -23.59 11.64
N ARG D 76 -5.51 -24.04 11.32
CA ARG D 76 -6.09 -25.35 11.74
C ARG D 76 -5.22 -26.46 11.17
N ASP D 77 -5.00 -27.55 11.92
CA ASP D 77 -4.51 -28.84 11.38
C ASP D 77 -3.13 -28.62 10.73
N SER D 78 -2.22 -28.02 11.47
CA SER D 78 -0.90 -27.58 10.97
C SER D 78 -0.15 -28.80 10.41
N GLN D 79 0.51 -28.61 9.27
CA GLN D 79 1.37 -29.60 8.58
C GLN D 79 2.81 -29.12 8.59
N PRO D 80 3.81 -30.04 8.60
CA PRO D 80 5.22 -29.69 8.39
C PRO D 80 5.48 -28.73 7.22
N SER D 81 4.74 -28.91 6.13
CA SER D 81 4.78 -28.04 4.92
C SER D 81 4.30 -26.60 5.21
N ASP D 82 3.66 -26.32 6.36
CA ASP D 82 3.31 -24.94 6.78
C ASP D 82 4.53 -24.28 7.45
N SER D 83 5.60 -25.01 7.76
CA SER D 83 6.86 -24.44 8.31
C SER D 83 7.42 -23.39 7.33
N ALA D 84 7.53 -22.17 7.81
CA ALA D 84 7.77 -21.00 6.96
C ALA D 84 7.91 -19.79 7.87
N THR D 85 8.28 -18.66 7.28
CA THR D 85 8.22 -17.35 7.96
C THR D 85 6.95 -16.64 7.48
N TYR D 86 6.15 -16.15 8.42
CA TYR D 86 4.83 -15.54 8.18
C TYR D 86 4.98 -14.06 8.41
N LEU D 87 4.66 -13.28 7.40
CA LEU D 87 4.93 -11.83 7.41
C LEU D 87 3.58 -11.15 7.50
N CYS D 88 3.42 -10.38 8.54
CA CYS D 88 2.29 -9.47 8.73
C CYS D 88 2.58 -8.18 7.97
N ALA D 89 1.58 -7.58 7.33
CA ALA D 89 1.73 -6.30 6.59
C ALA D 89 0.46 -5.47 6.73
N VAL D 90 0.66 -4.18 6.67
CA VAL D 90 -0.37 -3.15 6.89
C VAL D 90 -0.27 -2.17 5.70
N ASN D 91 -1.41 -1.91 5.08
CA ASN D 91 -1.55 -0.91 4.02
C ASN D 91 -1.83 0.42 4.71
N VAL D 92 -0.82 1.27 4.81
CA VAL D 92 -0.96 2.62 5.40
C VAL D 92 -0.06 3.53 4.57
N ALA D 93 -0.40 4.81 4.49
CA ALA D 93 0.42 5.84 3.84
C ALA D 93 0.66 5.48 2.36
N GLY D 94 -0.30 4.78 1.75
CA GLY D 94 -0.32 4.41 0.32
C GLY D 94 0.68 3.33 -0.05
N LYS D 95 1.02 2.45 0.87
CA LYS D 95 2.05 1.40 0.64
C LYS D 95 1.90 0.33 1.75
N SER D 96 2.55 -0.80 1.56
CA SER D 96 2.56 -1.94 2.51
C SER D 96 3.80 -1.82 3.37
N THR D 97 3.56 -1.73 4.68
CA THR D 97 4.61 -1.81 5.73
C THR D 97 4.59 -3.23 6.28
N PHE D 98 5.74 -3.87 6.34
CA PHE D 98 5.91 -5.28 6.75
C PHE D 98 6.43 -5.34 8.19
N GLY D 99 5.93 -6.30 8.97
CA GLY D 99 6.62 -6.79 10.18
C GLY D 99 7.91 -7.50 9.85
N ASP D 100 8.69 -7.88 10.87
CA ASP D 100 9.96 -8.63 10.71
C ASP D 100 9.77 -10.16 10.68
N GLY D 101 8.56 -10.67 10.70
CA GLY D 101 8.27 -12.10 10.46
C GLY D 101 8.20 -12.91 11.75
N THR D 102 7.31 -13.91 11.75
CA THR D 102 7.23 -15.00 12.76
C THR D 102 7.58 -16.32 12.07
N THR D 103 8.65 -16.95 12.51
CA THR D 103 9.08 -18.28 12.02
C THR D 103 8.27 -19.35 12.75
N LEU D 104 7.62 -20.22 12.00
CA LEU D 104 6.79 -21.33 12.52
C LEU D 104 7.46 -22.64 12.14
N THR D 105 7.71 -23.53 13.10
CA THR D 105 8.09 -24.93 12.81
C THR D 105 6.97 -25.84 13.28
N VAL D 106 6.39 -26.62 12.38
CA VAL D 106 5.41 -27.67 12.73
C VAL D 106 6.21 -28.95 12.90
N LYS D 107 6.40 -29.43 14.11
CA LYS D 107 7.16 -30.69 14.37
C LYS D 107 6.34 -31.86 13.85
N PRO D 108 6.87 -32.77 13.01
CA PRO D 108 6.07 -33.88 12.50
C PRO D 108 5.75 -34.91 13.59
N ASN D 109 4.64 -35.63 13.43
CA ASN D 109 4.26 -36.73 14.33
C ASN D 109 4.89 -37.98 13.74
N ILE D 110 5.86 -38.57 14.43
CA ILE D 110 6.52 -39.84 14.00
C ILE D 110 5.73 -41.00 14.61
N GLN D 111 4.98 -41.73 13.78
CA GLN D 111 4.12 -42.87 14.22
C GLN D 111 4.96 -43.90 14.97
N ASN D 112 6.03 -44.39 14.35
CA ASN D 112 6.71 -45.67 14.73
C ASN D 112 8.19 -45.44 14.96
N PRO D 113 8.59 -44.63 15.97
CA PRO D 113 10.01 -44.33 16.19
C PRO D 113 10.91 -45.57 16.15
N ASP D 114 12.08 -45.45 15.51
CA ASP D 114 13.05 -46.57 15.35
C ASP D 114 14.46 -45.98 15.31
N PRO D 115 14.90 -45.38 16.43
CA PRO D 115 16.16 -44.65 16.46
C PRO D 115 17.36 -45.57 16.18
N ALA D 116 18.21 -45.17 15.23
CA ALA D 116 19.42 -45.91 14.81
C ALA D 116 20.50 -44.93 14.33
N VAL D 117 21.78 -45.26 14.56
CA VAL D 117 22.96 -44.59 13.94
C VAL D 117 23.60 -45.59 12.97
N TYR D 118 23.71 -45.22 11.69
CA TYR D 118 24.34 -46.05 10.63
C TYR D 118 25.60 -45.33 10.09
N GLN D 119 26.65 -46.10 9.77
CA GLN D 119 27.80 -45.66 8.95
C GLN D 119 27.46 -45.90 7.48
N LEU D 120 27.61 -44.88 6.63
CA LEU D 120 27.50 -45.00 5.15
C LEU D 120 28.88 -44.70 4.56
N ARG D 121 29.37 -45.56 3.66
CA ARG D 121 30.70 -45.39 3.01
C ARG D 121 30.52 -44.64 1.68
N ASP D 122 31.51 -43.80 1.31
CA ASP D 122 31.58 -43.04 0.03
C ASP D 122 31.60 -44.06 -1.11
N SER D 123 30.83 -43.81 -2.16
CA SER D 123 30.86 -44.57 -3.44
C SER D 123 32.11 -44.23 -4.28
N LYS D 124 33.15 -43.60 -3.70
CA LYS D 124 34.48 -43.41 -4.34
C LYS D 124 35.56 -44.12 -3.52
N SER D 125 35.62 -43.88 -2.20
CA SER D 125 36.42 -44.69 -1.23
C SER D 125 35.60 -45.03 0.03
N SER D 126 35.94 -46.13 0.72
CA SER D 126 35.36 -46.52 2.03
C SER D 126 35.82 -45.51 3.09
N ASP D 127 37.14 -45.22 3.05
CA ASP D 127 37.91 -44.17 3.80
C ASP D 127 36.98 -43.07 4.35
N LYS D 128 36.57 -42.10 3.53
CA LYS D 128 35.61 -41.03 3.92
C LYS D 128 34.23 -41.68 4.18
N SER D 129 33.66 -41.47 5.37
CA SER D 129 32.30 -41.95 5.71
C SER D 129 31.58 -40.92 6.57
N VAL D 130 30.25 -41.01 6.57
CA VAL D 130 29.35 -40.15 7.37
C VAL D 130 28.50 -41.05 8.29
N CYS D 131 28.02 -40.47 9.37
CA CYS D 131 27.12 -41.11 10.33
C CYS D 131 25.72 -40.51 10.13
N LEU D 132 24.72 -41.38 10.00
CA LEU D 132 23.27 -41.04 9.87
C LEU D 132 22.52 -41.48 11.15
N PHE D 133 22.14 -40.52 11.99
CA PHE D 133 21.14 -40.68 13.08
C PHE D 133 19.77 -40.43 12.44
N THR D 134 18.86 -41.42 12.53
CA THR D 134 17.60 -41.48 11.73
C THR D 134 16.47 -42.13 12.55
N ASP D 135 15.22 -41.83 12.17
CA ASP D 135 13.96 -42.52 12.59
C ASP D 135 13.63 -42.23 14.07
N PHE D 136 14.36 -41.32 14.71
CA PHE D 136 14.03 -40.79 16.06
C PHE D 136 12.75 -39.94 15.94
N ASP D 137 12.03 -39.74 17.03
CA ASP D 137 10.78 -38.94 17.06
C ASP D 137 11.16 -37.49 17.40
N SER D 138 10.19 -36.57 17.24
CA SER D 138 10.43 -35.11 17.12
C SER D 138 10.83 -34.50 18.48
N GLN D 139 10.83 -35.30 19.54
CA GLN D 139 11.23 -34.88 20.92
C GLN D 139 12.75 -34.87 21.03
N THR D 140 13.45 -35.74 20.30
CA THR D 140 14.94 -35.71 20.20
C THR D 140 15.40 -34.43 19.51
N ASN D 141 16.33 -33.73 20.15
CA ASN D 141 17.09 -32.61 19.53
C ASN D 141 18.54 -33.08 19.30
N VAL D 142 19.20 -32.48 18.31
CA VAL D 142 20.58 -32.82 17.87
C VAL D 142 21.49 -31.61 18.12
N SER D 143 22.60 -31.81 18.83
CA SER D 143 23.54 -30.73 19.23
C SER D 143 24.74 -30.68 18.26
N GLN D 144 25.17 -29.46 17.89
CA GLN D 144 26.44 -29.18 17.16
C GLN D 144 27.59 -29.69 18.04
N SER D 145 28.68 -30.17 17.45
CA SER D 145 29.75 -30.89 18.19
C SER D 145 30.52 -29.95 19.11
N LYS D 146 31.16 -30.54 20.13
CA LYS D 146 32.27 -29.93 20.91
C LYS D 146 33.58 -30.43 20.29
N ASP D 147 33.77 -30.16 18.99
CA ASP D 147 34.96 -30.61 18.23
C ASP D 147 34.96 -29.91 16.88
N SER D 148 36.04 -29.18 16.57
CA SER D 148 36.41 -28.78 15.21
C SER D 148 36.66 -30.06 14.41
N ASP D 149 36.42 -30.01 13.11
CA ASP D 149 36.68 -31.16 12.21
C ASP D 149 35.78 -32.34 12.60
N VAL D 150 34.76 -32.10 13.44
CA VAL D 150 33.47 -32.88 13.45
C VAL D 150 32.34 -31.93 13.05
N TYR D 151 31.54 -32.32 12.06
CA TYR D 151 30.40 -31.57 11.48
C TYR D 151 29.14 -32.36 11.79
N ILE D 152 28.17 -31.70 12.41
CA ILE D 152 26.84 -32.29 12.72
C ILE D 152 25.77 -31.35 12.20
N THR D 153 24.83 -31.89 11.43
CA THR D 153 23.71 -31.15 10.81
C THR D 153 22.51 -31.18 11.77
N ASP D 154 21.63 -30.20 11.71
CA ASP D 154 20.36 -30.21 12.47
C ASP D 154 19.49 -31.34 11.93
N LYS D 155 18.43 -31.70 12.67
CA LYS D 155 17.48 -32.75 12.24
C LYS D 155 16.77 -32.19 11.02
N CYS D 156 16.25 -33.07 10.17
CA CYS D 156 15.56 -32.68 8.93
C CYS D 156 14.44 -33.70 8.63
N VAL D 157 13.28 -33.19 8.21
CA VAL D 157 12.00 -33.96 8.01
C VAL D 157 11.90 -34.43 6.55
N LEU D 158 11.90 -35.74 6.37
CA LEU D 158 11.95 -36.45 5.08
C LEU D 158 10.61 -37.20 4.93
N ASP D 159 9.97 -37.08 3.77
CA ASP D 159 8.56 -37.53 3.56
C ASP D 159 8.46 -38.41 2.32
N MET D 160 8.26 -39.73 2.50
CA MET D 160 8.00 -40.71 1.40
C MET D 160 6.48 -40.76 1.13
N ARG D 161 5.90 -39.69 0.59
CA ARG D 161 4.43 -39.44 0.53
C ARG D 161 3.71 -40.78 0.35
N SER D 162 4.12 -41.54 -0.68
CA SER D 162 3.52 -42.80 -1.20
C SER D 162 3.52 -43.94 -0.16
N MET D 163 4.55 -44.05 0.69
CA MET D 163 4.61 -45.09 1.76
C MET D 163 3.67 -44.66 2.89
N ASP D 164 3.54 -43.34 3.15
CA ASP D 164 2.75 -42.74 4.26
C ASP D 164 3.68 -42.63 5.47
N PHE D 165 4.98 -42.48 5.19
CA PHE D 165 6.09 -42.61 6.16
C PHE D 165 6.87 -41.30 6.15
N LYS D 166 7.02 -40.69 7.33
CA LYS D 166 7.93 -39.57 7.64
C LYS D 166 9.05 -40.12 8.52
N SER D 167 10.27 -39.59 8.37
CA SER D 167 11.45 -39.88 9.23
C SER D 167 12.33 -38.62 9.41
N ASN D 168 12.87 -38.49 10.61
CA ASN D 168 13.84 -37.45 11.05
C ASN D 168 15.25 -38.01 10.86
N SER D 169 16.17 -37.20 10.34
CA SER D 169 17.57 -37.61 10.06
C SER D 169 18.51 -36.46 10.50
N ALA D 170 19.66 -36.79 11.10
CA ALA D 170 20.81 -35.89 11.23
C ALA D 170 22.05 -36.61 10.70
N VAL D 171 23.04 -35.86 10.22
CA VAL D 171 24.30 -36.41 9.65
C VAL D 171 25.50 -35.81 10.39
N ALA D 172 26.49 -36.66 10.66
CA ALA D 172 27.76 -36.28 11.28
C ALA D 172 28.90 -36.84 10.44
N TRP D 173 30.00 -36.10 10.34
CA TRP D 173 31.20 -36.55 9.60
C TRP D 173 32.43 -35.76 10.08
N SER D 174 33.60 -36.37 9.95
CA SER D 174 34.88 -35.82 10.43
C SER D 174 35.95 -35.97 9.35
N ASN D 175 36.95 -35.09 9.38
CA ASN D 175 38.13 -35.12 8.49
C ASN D 175 39.24 -36.04 9.08
N LYS D 176 38.86 -37.08 9.83
CA LYS D 176 39.79 -37.79 10.76
C LYS D 176 39.43 -39.29 10.88
N SER D 177 40.41 -40.10 11.29
CA SER D 177 40.32 -41.56 11.63
C SER D 177 39.87 -41.75 13.07
N ASP D 178 40.29 -40.85 13.97
CA ASP D 178 39.98 -40.79 15.43
C ASP D 178 38.47 -40.98 15.69
N PHE D 179 37.64 -40.82 14.66
CA PHE D 179 36.18 -40.57 14.74
C PHE D 179 35.42 -41.87 14.46
N ALA D 180 34.56 -42.26 15.40
CA ALA D 180 33.66 -43.42 15.31
C ALA D 180 32.22 -42.91 15.22
N CYS D 181 31.35 -43.66 14.55
CA CYS D 181 29.87 -43.50 14.64
C CYS D 181 29.46 -43.87 16.06
N ALA D 182 30.11 -44.90 16.62
CA ALA D 182 29.92 -45.37 18.01
C ALA D 182 29.39 -44.20 18.84
N ASN D 183 30.19 -43.13 19.00
CA ASN D 183 29.83 -41.97 19.84
C ASN D 183 30.13 -40.68 19.09
N ALA D 184 29.21 -40.32 18.18
CA ALA D 184 29.28 -39.14 17.29
C ALA D 184 28.45 -37.99 17.86
N PHE D 185 27.44 -38.31 18.68
CA PHE D 185 26.36 -37.37 19.09
C PHE D 185 26.46 -37.05 20.61
N ASN D 186 26.96 -35.83 20.90
CA ASN D 186 27.25 -35.22 22.23
C ASN D 186 26.01 -34.44 22.67
N ASN D 187 24.88 -35.11 22.63
CA ASN D 187 23.51 -34.55 22.72
C ASN D 187 22.63 -35.61 23.37
N SER D 188 21.35 -35.31 23.54
CA SER D 188 20.36 -36.16 24.27
C SER D 188 19.88 -37.29 23.35
N ILE D 189 20.68 -38.36 23.22
CA ILE D 189 20.35 -39.56 22.38
C ILE D 189 19.26 -40.32 23.15
N ILE D 190 18.51 -41.17 22.45
CA ILE D 190 17.47 -42.10 23.02
C ILE D 190 18.23 -43.25 23.67
N PRO D 191 17.90 -43.65 24.94
CA PRO D 191 18.91 -44.19 25.87
C PRO D 191 19.66 -45.42 25.30
N GLU D 192 19.51 -46.61 25.91
CA GLU D 192 19.82 -47.91 25.26
C GLU D 192 19.15 -47.92 23.87
N ASP D 193 17.88 -47.47 23.85
CA ASP D 193 16.87 -47.70 22.80
C ASP D 193 17.47 -47.45 21.39
N THR D 194 18.32 -46.43 21.18
CA THR D 194 18.98 -46.14 19.86
C THR D 194 19.86 -47.33 19.43
N PHE D 195 19.53 -47.94 18.29
CA PHE D 195 20.25 -49.07 17.66
C PHE D 195 21.56 -48.59 17.01
N PHE D 196 22.69 -49.18 17.45
CA PHE D 196 24.06 -48.96 16.93
C PHE D 196 24.60 -50.28 16.34
N PRO D 197 24.40 -50.56 15.03
CA PRO D 197 24.88 -51.81 14.44
C PRO D 197 26.40 -51.98 14.61
N SER D 198 26.88 -53.21 14.46
CA SER D 198 28.31 -53.59 14.55
C SER D 198 28.89 -53.68 13.13
N PRO D 199 29.44 -52.56 12.57
CA PRO D 199 29.65 -52.40 11.11
C PRO D 199 30.07 -53.62 10.27
N SER E 1 -1.90 -15.49 -17.06
CA SER E 1 -2.34 -14.10 -17.36
C SER E 1 -1.35 -13.10 -16.75
N GLN E 2 -1.51 -12.81 -15.45
CA GLN E 2 -0.69 -11.80 -14.74
C GLN E 2 0.56 -12.51 -14.17
N THR E 3 1.70 -11.82 -14.21
CA THR E 3 3.07 -12.39 -14.27
C THR E 3 4.05 -11.30 -13.85
N ILE E 4 5.05 -11.65 -13.04
CA ILE E 4 6.13 -10.70 -12.66
C ILE E 4 7.42 -11.50 -12.61
N HIS E 5 8.39 -11.16 -13.44
CA HIS E 5 9.68 -11.90 -13.57
C HIS E 5 10.80 -10.95 -13.14
N GLN E 6 11.76 -11.41 -12.34
CA GLN E 6 12.92 -10.54 -12.06
C GLN E 6 14.18 -11.34 -12.38
N TRP E 7 15.28 -10.63 -12.65
CA TRP E 7 16.55 -11.16 -13.23
C TRP E 7 17.68 -10.20 -12.89
N PRO E 8 18.90 -10.68 -12.54
CA PRO E 8 19.16 -12.10 -12.26
C PRO E 8 18.62 -12.58 -10.92
N ALA E 9 18.55 -13.89 -10.75
CA ALA E 9 18.04 -14.60 -9.54
C ALA E 9 19.07 -14.51 -8.41
N THR E 10 20.37 -14.67 -8.70
CA THR E 10 21.50 -14.69 -7.73
C THR E 10 22.70 -13.96 -8.34
N LEU E 11 23.38 -13.14 -7.55
CA LEU E 11 24.62 -12.42 -7.96
C LEU E 11 25.62 -12.49 -6.81
N VAL E 12 26.85 -12.80 -7.16
CA VAL E 12 28.03 -12.62 -6.27
C VAL E 12 28.94 -11.62 -6.97
N GLN E 13 29.15 -10.45 -6.35
CA GLN E 13 29.93 -9.33 -6.94
C GLN E 13 30.84 -8.75 -5.88
N PRO E 14 32.00 -8.21 -6.35
CA PRO E 14 32.94 -7.49 -5.51
C PRO E 14 32.40 -6.11 -5.12
N VAL E 15 32.76 -5.65 -3.91
CA VAL E 15 32.60 -4.23 -3.49
C VAL E 15 33.08 -3.35 -4.66
N GLY E 16 32.37 -2.26 -4.95
CA GLY E 16 32.80 -1.29 -5.98
C GLY E 16 32.25 -1.56 -7.37
N SER E 17 31.67 -2.73 -7.64
CA SER E 17 31.12 -3.12 -8.97
C SER E 17 29.74 -2.49 -9.18
N PRO E 18 29.31 -2.30 -10.44
CA PRO E 18 27.94 -1.86 -10.70
C PRO E 18 26.89 -2.96 -10.55
N LEU E 19 25.66 -2.55 -10.26
CA LEU E 19 24.48 -3.44 -10.09
C LEU E 19 23.44 -3.06 -11.15
N SER E 20 22.82 -4.05 -11.76
CA SER E 20 21.60 -3.85 -12.57
C SER E 20 20.63 -5.00 -12.28
N LEU E 21 19.53 -4.75 -11.57
CA LEU E 21 18.42 -5.72 -11.40
C LEU E 21 17.27 -5.28 -12.30
N GLU E 22 16.69 -6.22 -13.02
CA GLU E 22 15.55 -5.93 -13.89
C GLU E 22 14.29 -6.62 -13.37
N CYS E 23 13.17 -5.97 -13.60
CA CYS E 23 11.85 -6.51 -13.26
C CYS E 23 10.86 -6.19 -14.37
N THR E 24 10.07 -7.20 -14.76
CA THR E 24 9.12 -7.18 -15.88
C THR E 24 7.74 -7.70 -15.42
N VAL E 25 6.65 -6.94 -15.62
CA VAL E 25 5.29 -7.48 -15.36
C VAL E 25 4.55 -7.60 -16.70
N GLU E 26 3.76 -8.67 -16.87
CA GLU E 26 2.86 -8.89 -18.02
C GLU E 26 1.44 -9.09 -17.47
N GLY E 27 0.43 -8.80 -18.28
CA GLY E 27 -0.98 -9.15 -18.02
C GLY E 27 -1.72 -8.13 -17.19
N THR E 28 -1.09 -6.98 -16.89
CA THR E 28 -1.72 -5.77 -16.27
C THR E 28 -1.15 -4.51 -16.93
N SER E 29 -1.78 -3.34 -16.75
CA SER E 29 -1.18 -2.06 -17.17
C SER E 29 -1.32 -1.00 -16.08
N ASN E 30 -0.44 -0.02 -16.11
CA ASN E 30 -0.33 1.11 -15.15
C ASN E 30 -0.26 0.58 -13.72
N PRO E 31 0.51 -0.49 -13.43
CA PRO E 31 0.57 -1.01 -12.07
C PRO E 31 1.34 -0.04 -11.19
N ASN E 32 1.12 -0.08 -9.87
CA ASN E 32 2.09 0.40 -8.87
C ASN E 32 3.25 -0.61 -8.88
N LEU E 33 4.51 -0.15 -8.90
CA LEU E 33 5.72 -1.02 -8.84
C LEU E 33 6.54 -0.60 -7.63
N TYR E 34 7.13 -1.60 -6.96
CA TYR E 34 7.84 -1.45 -5.67
C TYR E 34 9.17 -2.21 -5.74
N TRP E 35 10.23 -1.66 -5.16
CA TRP E 35 11.46 -2.43 -4.82
C TRP E 35 11.52 -2.55 -3.30
N TYR E 36 11.57 -3.78 -2.80
CA TYR E 36 11.77 -4.07 -1.36
C TYR E 36 13.09 -4.83 -1.21
N ARG E 37 13.70 -4.72 -0.04
CA ARG E 37 14.90 -5.49 0.29
C ARG E 37 14.65 -6.26 1.58
N GLN E 38 15.14 -7.49 1.64
CA GLN E 38 15.11 -8.30 2.88
C GLN E 38 16.57 -8.52 3.21
N ALA E 39 17.04 -7.92 4.29
CA ALA E 39 18.44 -8.05 4.75
C ALA E 39 18.50 -8.14 6.28
N ALA E 40 19.48 -8.82 6.84
CA ALA E 40 19.71 -8.91 8.29
C ALA E 40 18.39 -9.27 8.96
N GLY E 41 17.74 -10.32 8.47
CA GLY E 41 16.45 -10.80 8.98
C GLY E 41 15.42 -10.95 7.88
N ARG E 42 14.19 -11.13 8.30
CA ARG E 42 13.01 -11.27 7.40
C ARG E 42 12.29 -9.92 7.33
N GLY E 43 11.17 -9.83 6.68
CA GLY E 43 10.56 -8.49 6.65
C GLY E 43 11.36 -7.49 5.79
N LEU E 44 10.65 -6.50 5.28
CA LEU E 44 10.90 -5.94 3.95
C LEU E 44 11.01 -4.44 4.12
N GLN E 45 12.12 -3.88 3.67
CA GLN E 45 12.27 -2.43 3.64
C GLN E 45 11.91 -1.97 2.22
N LEU E 46 10.99 -1.02 2.10
CA LEU E 46 10.66 -0.35 0.81
C LEU E 46 11.84 0.54 0.42
N LEU E 47 12.38 0.37 -0.80
CA LEU E 47 13.52 1.17 -1.30
C LEU E 47 12.98 2.21 -2.28
N PHE E 48 12.16 1.75 -3.22
CA PHE E 48 11.56 2.60 -4.27
C PHE E 48 10.11 2.17 -4.48
N TYR E 49 9.29 3.18 -4.74
CA TYR E 49 7.86 3.10 -5.07
C TYR E 49 7.66 3.89 -6.38
N SER E 50 7.01 3.32 -7.39
CA SER E 50 6.66 4.04 -8.64
C SER E 50 5.16 3.93 -8.91
N VAL E 51 4.48 5.08 -8.97
CA VAL E 51 3.01 5.17 -9.23
C VAL E 51 2.75 5.08 -10.74
N GLY E 52 3.77 5.16 -11.59
CA GLY E 52 3.57 5.15 -13.06
C GLY E 52 4.84 5.43 -13.85
N ILE E 53 4.81 5.16 -15.15
CA ILE E 53 5.99 5.36 -16.04
C ILE E 53 6.66 6.72 -15.76
N GLY E 54 8.00 6.70 -15.66
CA GLY E 54 8.88 7.87 -15.40
C GLY E 54 8.87 8.35 -13.96
N GLN E 55 7.97 7.85 -13.09
CA GLN E 55 7.74 8.42 -11.73
C GLN E 55 8.35 7.46 -10.69
N ILE E 56 9.39 7.91 -10.01
CA ILE E 56 10.15 7.11 -9.02
C ILE E 56 10.15 7.86 -7.71
N SER E 57 9.66 7.26 -6.64
CA SER E 57 9.70 7.83 -5.28
C SER E 57 10.73 7.03 -4.49
N SER E 58 11.75 7.71 -3.99
CA SER E 58 12.87 7.12 -3.22
C SER E 58 12.46 7.18 -1.76
N GLU E 59 12.52 6.05 -1.08
CA GLU E 59 11.83 5.87 0.22
C GLU E 59 12.88 5.88 1.33
N VAL E 60 14.16 5.89 0.98
CA VAL E 60 15.30 5.99 1.95
C VAL E 60 16.53 6.57 1.23
N PRO E 61 17.16 7.66 1.75
CA PRO E 61 18.49 8.04 1.25
C PRO E 61 19.39 6.79 1.11
N GLN E 62 19.99 6.58 -0.07
CA GLN E 62 20.67 5.30 -0.39
C GLN E 62 21.58 5.39 -1.61
N ASN E 63 22.50 4.43 -1.67
CA ASN E 63 23.54 4.25 -2.73
C ASN E 63 22.90 3.64 -4.00
N LEU E 64 21.61 3.34 -4.00
CA LEU E 64 20.96 2.68 -5.16
C LEU E 64 20.15 3.73 -5.91
N SER E 65 19.71 3.41 -7.12
CA SER E 65 18.72 4.22 -7.88
C SER E 65 17.82 3.29 -8.69
N ALA E 66 16.64 3.78 -9.06
CA ALA E 66 15.64 3.00 -9.82
C ALA E 66 15.19 3.83 -11.01
N SER E 67 14.71 3.19 -12.06
CA SER E 67 13.99 3.86 -13.16
C SER E 67 12.91 2.93 -13.68
N ARG E 68 11.98 3.51 -14.41
CA ARG E 68 10.85 2.78 -15.02
C ARG E 68 10.74 3.34 -16.43
N PRO E 69 11.57 2.85 -17.39
CA PRO E 69 11.60 3.37 -18.76
C PRO E 69 10.36 3.04 -19.61
N GLN E 70 9.62 1.98 -19.27
CA GLN E 70 8.27 1.70 -19.82
C GLN E 70 7.32 1.30 -18.68
N ASP E 71 6.05 1.09 -19.01
CA ASP E 71 4.97 0.83 -18.06
C ASP E 71 5.39 -0.39 -17.22
N ARG E 72 5.79 -1.47 -17.90
CA ARG E 72 5.92 -2.82 -17.33
C ARG E 72 7.41 -3.15 -17.09
N GLN E 73 8.27 -2.14 -16.98
CA GLN E 73 9.75 -2.33 -16.88
C GLN E 73 10.31 -1.49 -15.74
N PHE E 74 10.77 -2.14 -14.67
CA PHE E 74 11.31 -1.49 -13.46
C PHE E 74 12.75 -1.93 -13.27
N ILE E 75 13.64 -0.99 -12.98
CA ILE E 75 15.10 -1.26 -12.92
C ILE E 75 15.65 -0.71 -11.63
N LEU E 76 16.55 -1.47 -11.00
CA LEU E 76 17.27 -1.05 -9.77
C LEU E 76 18.75 -1.12 -10.10
N SER E 77 19.53 -0.12 -9.71
CA SER E 77 20.95 -0.02 -10.09
C SER E 77 21.76 0.66 -8.98
N SER E 78 23.06 0.47 -9.08
CA SER E 78 24.11 1.16 -8.30
C SER E 78 25.32 1.28 -9.24
N LYS E 79 26.07 2.37 -9.15
CA LYS E 79 27.35 2.55 -9.87
C LYS E 79 28.43 1.81 -9.05
N LYS E 80 28.39 1.89 -7.72
CA LYS E 80 29.46 1.37 -6.81
C LYS E 80 28.84 0.63 -5.62
N LEU E 81 28.71 -0.69 -5.67
CA LEU E 81 28.10 -1.47 -4.56
C LEU E 81 28.96 -1.36 -3.29
N LEU E 82 28.32 -1.27 -2.13
CA LEU E 82 28.97 -1.34 -0.80
C LEU E 82 28.78 -2.74 -0.23
N LEU E 83 29.67 -3.21 0.63
CA LEU E 83 29.44 -4.43 1.46
C LEU E 83 27.97 -4.44 1.91
N SER E 84 27.45 -3.32 2.40
CA SER E 84 26.13 -3.24 3.09
C SER E 84 24.97 -3.34 2.10
N ASP E 85 25.20 -3.41 0.78
CA ASP E 85 24.12 -3.56 -0.23
C ASP E 85 23.68 -5.02 -0.39
N SER E 86 24.32 -5.95 0.32
CA SER E 86 23.92 -7.38 0.30
C SER E 86 22.48 -7.47 0.77
N GLY E 87 21.66 -8.25 0.10
CA GLY E 87 20.28 -8.52 0.53
C GLY E 87 19.52 -9.32 -0.50
N PHE E 88 18.26 -9.63 -0.18
CA PHE E 88 17.28 -10.25 -1.09
C PHE E 88 16.38 -9.12 -1.61
N TYR E 89 16.48 -8.79 -2.90
CA TYR E 89 15.79 -7.64 -3.53
C TYR E 89 14.54 -8.18 -4.20
N LEU E 90 13.37 -7.67 -3.82
CA LEU E 90 12.07 -8.16 -4.30
C LEU E 90 11.35 -7.04 -5.02
N CYS E 91 11.00 -7.30 -6.27
CA CYS E 91 10.08 -6.49 -7.09
C CYS E 91 8.65 -6.93 -6.80
N ALA E 92 7.73 -5.99 -6.69
CA ALA E 92 6.29 -6.26 -6.54
C ALA E 92 5.45 -5.26 -7.33
N TRP E 93 4.27 -5.67 -7.79
CA TRP E 93 3.26 -4.76 -8.36
C TRP E 93 1.93 -4.89 -7.60
N SER E 94 1.14 -3.81 -7.57
CA SER E 94 -0.29 -3.79 -7.18
C SER E 94 -1.10 -3.11 -8.29
N GLU E 95 -2.41 -3.40 -8.32
CA GLU E 95 -3.37 -2.81 -9.29
C GLU E 95 -3.26 -1.28 -9.26
N THR E 96 -3.34 -0.64 -10.42
CA THR E 96 -3.45 0.83 -10.52
C THR E 96 -4.37 1.32 -9.41
N GLY E 97 -3.97 2.36 -8.69
CA GLY E 97 -4.79 3.05 -7.68
C GLY E 97 -4.47 2.55 -6.29
N LEU E 98 -5.51 2.40 -5.47
CA LEU E 98 -5.45 1.91 -4.06
C LEU E 98 -6.62 0.92 -3.85
N GLY E 99 -6.44 -0.32 -4.31
CA GLY E 99 -7.42 -1.39 -4.09
C GLY E 99 -7.19 -2.04 -2.74
N THR E 100 -7.39 -3.36 -2.67
CA THR E 100 -7.13 -4.19 -1.50
C THR E 100 -5.69 -3.91 -1.05
N GLY E 101 -4.78 -3.65 -2.00
CA GLY E 101 -3.36 -3.37 -1.70
C GLY E 101 -2.51 -4.63 -1.68
N GLU E 102 -3.05 -5.73 -2.16
CA GLU E 102 -2.31 -6.98 -2.42
C GLU E 102 -1.11 -6.73 -3.32
N LEU E 103 0.03 -7.26 -2.89
CA LEU E 103 1.32 -7.23 -3.62
C LEU E 103 1.57 -8.59 -4.26
N PHE E 104 1.92 -8.58 -5.55
CA PHE E 104 2.41 -9.74 -6.31
C PHE E 104 3.92 -9.61 -6.43
N PHE E 105 4.66 -10.52 -5.80
CA PHE E 105 6.14 -10.47 -5.76
C PHE E 105 6.74 -11.21 -6.94
N GLY E 106 7.86 -10.70 -7.45
CA GLY E 106 8.74 -11.55 -8.28
C GLY E 106 9.45 -12.61 -7.46
N GLU E 107 10.20 -13.47 -8.13
CA GLU E 107 10.90 -14.62 -7.50
C GLU E 107 12.14 -14.11 -6.76
N GLY E 108 12.48 -12.81 -6.83
CA GLY E 108 13.52 -12.18 -6.00
C GLY E 108 14.89 -12.28 -6.66
N SER E 109 15.80 -11.37 -6.31
CA SER E 109 17.23 -11.32 -6.69
C SER E 109 18.10 -11.32 -5.42
N ARG E 110 18.85 -12.39 -5.20
CA ARG E 110 19.77 -12.55 -4.04
C ARG E 110 21.13 -11.98 -4.43
N LEU E 111 21.53 -10.88 -3.79
CA LEU E 111 22.82 -10.19 -4.02
C LEU E 111 23.75 -10.41 -2.83
N THR E 112 24.89 -11.06 -3.06
CA THR E 112 26.03 -11.10 -2.11
C THR E 112 27.17 -10.21 -2.65
N VAL E 113 27.55 -9.20 -1.87
CA VAL E 113 28.74 -8.33 -2.10
C VAL E 113 29.89 -8.83 -1.20
N LEU E 114 31.06 -9.10 -1.78
CA LEU E 114 32.25 -9.61 -1.04
C LEU E 114 33.36 -8.55 -1.08
N GLU E 115 34.09 -8.38 0.03
CA GLU E 115 35.32 -7.54 0.08
C GLU E 115 36.30 -8.17 -0.89
N ASP E 116 36.36 -9.51 -0.97
CA ASP E 116 37.42 -10.24 -1.71
C ASP E 116 36.90 -11.54 -2.36
N LEU E 117 36.99 -11.61 -3.68
CA LEU E 117 36.61 -12.80 -4.50
C LEU E 117 37.54 -13.96 -4.21
N LYS E 118 38.71 -13.72 -3.62
CA LYS E 118 39.76 -14.72 -3.34
C LYS E 118 39.19 -15.87 -2.47
N ASN E 119 38.13 -15.61 -1.74
CA ASN E 119 37.54 -16.58 -0.78
C ASN E 119 36.45 -17.43 -1.43
N VAL E 120 36.16 -17.23 -2.71
CA VAL E 120 35.06 -17.92 -3.44
C VAL E 120 35.56 -19.30 -3.84
N PHE E 121 34.84 -20.34 -3.41
CA PHE E 121 35.12 -21.75 -3.72
C PHE E 121 33.83 -22.46 -4.09
N PRO E 122 33.81 -23.27 -5.16
CA PRO E 122 32.62 -24.07 -5.45
C PRO E 122 32.57 -25.24 -4.48
N PRO E 123 31.44 -25.98 -4.39
CA PRO E 123 31.40 -27.17 -3.56
C PRO E 123 32.10 -28.37 -4.20
N GLU E 124 32.83 -29.12 -3.38
CA GLU E 124 33.06 -30.57 -3.59
C GLU E 124 31.80 -31.33 -3.15
N VAL E 125 31.42 -32.33 -3.94
CA VAL E 125 30.17 -33.10 -3.76
C VAL E 125 30.51 -34.57 -3.73
N ALA E 126 29.97 -35.31 -2.78
CA ALA E 126 30.19 -36.77 -2.61
C ALA E 126 28.85 -37.41 -2.23
N VAL E 127 28.57 -38.59 -2.81
CA VAL E 127 27.38 -39.40 -2.44
C VAL E 127 27.86 -40.57 -1.59
N PHE E 128 27.17 -40.81 -0.46
CA PHE E 128 27.44 -41.90 0.49
C PHE E 128 26.35 -42.97 0.30
N GLU E 129 26.77 -44.24 0.24
CA GLU E 129 25.89 -45.40 -0.10
C GLU E 129 25.12 -45.85 1.13
N PRO E 130 23.84 -46.27 0.97
CA PRO E 130 23.06 -46.83 2.08
C PRO E 130 23.85 -47.87 2.87
N SER E 131 23.64 -47.91 4.19
CA SER E 131 24.17 -48.93 5.14
C SER E 131 23.41 -50.24 4.93
N GLU E 132 24.12 -51.38 4.78
CA GLU E 132 23.49 -52.71 4.64
C GLU E 132 22.65 -52.99 5.90
N ALA E 133 23.07 -52.47 7.06
CA ALA E 133 22.39 -52.61 8.38
C ALA E 133 21.00 -51.96 8.33
N GLU E 134 20.94 -50.69 7.95
CA GLU E 134 19.70 -49.88 7.78
C GLU E 134 18.71 -50.67 6.91
N ILE E 135 19.19 -51.23 5.79
CA ILE E 135 18.37 -52.00 4.80
C ILE E 135 17.87 -53.28 5.48
N SER E 136 18.68 -53.90 6.35
CA SER E 136 18.32 -55.12 7.12
C SER E 136 17.34 -54.77 8.24
N HIS E 137 17.51 -53.59 8.84
CA HIS E 137 16.71 -53.16 10.02
C HIS E 137 15.37 -52.58 9.55
N THR E 138 15.31 -51.92 8.38
CA THR E 138 14.16 -51.06 7.97
C THR E 138 13.59 -51.40 6.57
N GLN E 139 14.23 -52.28 5.78
CA GLN E 139 13.97 -52.41 4.31
C GLN E 139 13.82 -51.03 3.66
N LYS E 140 14.59 -50.04 4.14
CA LYS E 140 14.69 -48.69 3.52
C LYS E 140 16.17 -48.42 3.27
N ALA E 141 16.47 -47.67 2.22
CA ALA E 141 17.82 -47.23 1.82
C ALA E 141 17.89 -45.70 1.85
N THR E 142 18.79 -45.14 2.68
CA THR E 142 19.08 -43.68 2.73
C THR E 142 20.43 -43.40 2.05
N LEU E 143 20.42 -42.65 0.95
CA LEU E 143 21.65 -42.07 0.31
C LEU E 143 21.92 -40.72 0.96
N VAL E 144 23.16 -40.39 1.25
CA VAL E 144 23.52 -39.04 1.76
C VAL E 144 24.44 -38.33 0.74
N CYS E 145 24.11 -37.07 0.48
CA CYS E 145 24.95 -36.18 -0.34
C CYS E 145 25.57 -35.09 0.54
N LEU E 146 26.90 -34.93 0.44
CA LEU E 146 27.70 -33.88 1.12
C LEU E 146 28.21 -32.89 0.08
N ALA E 147 27.85 -31.63 0.22
CA ALA E 147 28.47 -30.50 -0.50
C ALA E 147 29.32 -29.75 0.51
N THR E 148 30.62 -29.66 0.27
CA THR E 148 31.59 -29.15 1.26
C THR E 148 32.51 -28.10 0.65
N GLY E 149 33.00 -27.20 1.51
CA GLY E 149 34.07 -26.23 1.24
C GLY E 149 33.63 -25.14 0.26
N PHE E 150 32.34 -24.83 0.18
CA PHE E 150 31.84 -23.78 -0.74
C PHE E 150 31.75 -22.45 0.01
N TYR E 151 31.84 -21.36 -0.76
CA TYR E 151 31.74 -19.96 -0.33
C TYR E 151 31.52 -19.03 -1.54
N PRO E 152 30.54 -18.11 -1.50
CA PRO E 152 29.67 -17.91 -0.35
C PRO E 152 28.58 -19.01 -0.29
N ASP E 153 27.53 -18.82 0.49
CA ASP E 153 26.70 -19.97 0.93
C ASP E 153 25.43 -20.17 0.08
N HIS E 154 25.39 -19.85 -1.21
N HIS E 154 25.52 -19.93 -1.24
CA HIS E 154 24.18 -20.14 -2.02
CA HIS E 154 24.45 -20.06 -2.26
C HIS E 154 24.48 -21.23 -3.04
C HIS E 154 24.64 -21.33 -3.08
N VAL E 155 23.88 -22.39 -2.78
CA VAL E 155 23.91 -23.61 -3.61
C VAL E 155 22.46 -24.11 -3.67
N GLU E 156 22.04 -24.74 -4.76
CA GLU E 156 20.73 -25.40 -4.88
C GLU E 156 21.08 -26.86 -5.11
N LEU E 157 20.69 -27.72 -4.17
CA LEU E 157 20.96 -29.18 -4.23
C LEU E 157 19.69 -29.87 -4.70
N SER E 158 19.79 -30.74 -5.69
CA SER E 158 18.67 -31.56 -6.19
C SER E 158 19.14 -33.00 -6.31
N TRP E 159 18.16 -33.93 -6.35
CA TRP E 159 18.39 -35.38 -6.54
C TRP E 159 17.74 -35.79 -7.85
N TRP E 160 18.47 -36.58 -8.63
CA TRP E 160 18.08 -37.10 -9.95
C TRP E 160 18.20 -38.63 -9.88
N VAL E 161 17.11 -39.35 -10.07
CA VAL E 161 17.14 -40.84 -10.20
C VAL E 161 16.66 -41.17 -11.62
N ASN E 162 17.51 -41.92 -12.34
CA ASN E 162 17.35 -42.26 -13.77
C ASN E 162 17.04 -40.97 -14.54
N GLY E 163 17.83 -39.90 -14.28
CA GLY E 163 17.83 -38.62 -15.02
C GLY E 163 16.53 -37.83 -14.88
N LYS E 164 15.65 -38.23 -13.95
CA LYS E 164 14.41 -37.51 -13.53
C LYS E 164 14.65 -36.90 -12.14
N GLU E 165 14.38 -35.60 -11.97
CA GLU E 165 14.51 -34.95 -10.64
C GLU E 165 13.41 -35.53 -9.74
N VAL E 166 13.76 -35.91 -8.51
CA VAL E 166 12.79 -36.43 -7.50
C VAL E 166 12.66 -35.40 -6.38
N HIS E 167 11.59 -35.49 -5.60
CA HIS E 167 11.27 -34.64 -4.42
C HIS E 167 10.85 -35.53 -3.25
N SER E 168 10.06 -36.56 -3.53
CA SER E 168 9.65 -37.59 -2.54
C SER E 168 10.91 -38.28 -2.02
N GLY E 169 11.02 -38.43 -0.70
CA GLY E 169 12.10 -39.18 -0.05
C GLY E 169 13.29 -38.30 0.25
N VAL E 170 13.20 -37.01 -0.12
CA VAL E 170 14.34 -36.04 -0.08
C VAL E 170 14.16 -35.15 1.13
N CYS E 171 15.21 -34.89 1.88
CA CYS E 171 15.25 -33.71 2.76
C CYS E 171 16.68 -33.17 2.80
N THR E 172 16.81 -31.89 2.51
CA THR E 172 18.10 -31.15 2.40
C THR E 172 18.14 -30.22 3.59
N ASP E 173 19.27 -30.07 4.28
CA ASP E 173 19.40 -29.06 5.38
C ASP E 173 18.91 -27.68 4.91
N PRO E 174 18.13 -26.95 5.74
CA PRO E 174 17.62 -25.63 5.36
C PRO E 174 18.75 -24.60 5.26
N GLN E 175 19.66 -24.57 6.24
CA GLN E 175 20.89 -23.74 6.14
C GLN E 175 22.17 -24.57 6.14
N PRO E 176 23.21 -24.09 5.43
CA PRO E 176 24.53 -24.72 5.49
C PRO E 176 25.21 -24.49 6.84
N LEU E 177 26.06 -25.39 7.29
CA LEU E 177 26.91 -25.10 8.46
C LEU E 177 28.27 -24.55 8.01
N LYS E 178 28.95 -23.89 8.96
CA LYS E 178 30.28 -23.29 8.78
C LYS E 178 31.31 -24.35 9.10
N GLU E 179 32.26 -24.57 8.22
CA GLU E 179 33.27 -25.63 8.43
C GLU E 179 34.19 -25.18 9.56
N GLN E 180 34.32 -23.87 9.76
CA GLN E 180 35.00 -23.30 10.93
C GLN E 180 34.13 -22.21 11.51
N PRO E 181 33.30 -22.52 12.52
CA PRO E 181 32.37 -21.54 13.07
C PRO E 181 33.11 -20.27 13.50
N ALA E 182 34.39 -20.35 13.92
CA ALA E 182 35.12 -19.21 14.50
C ALA E 182 35.45 -18.17 13.42
N LEU E 183 35.58 -18.55 12.15
CA LEU E 183 36.16 -17.70 11.06
C LEU E 183 35.07 -16.97 10.27
N ASN E 184 35.20 -15.65 10.11
CA ASN E 184 34.16 -14.78 9.49
C ASN E 184 33.92 -15.23 8.06
N ASP E 185 34.97 -15.72 7.40
CA ASP E 185 34.95 -16.07 5.97
C ASP E 185 34.91 -17.59 5.80
N SER E 186 34.55 -18.34 6.83
CA SER E 186 34.50 -19.82 6.78
C SER E 186 33.81 -20.29 5.50
N ARG E 187 34.31 -21.35 4.90
CA ARG E 187 33.57 -22.12 3.87
C ARG E 187 32.46 -22.94 4.57
N TYR E 188 31.55 -23.51 3.79
CA TYR E 188 30.24 -24.03 4.23
C TYR E 188 30.06 -25.47 3.76
N ALA E 189 29.19 -26.18 4.45
CA ALA E 189 28.82 -27.57 4.10
C ALA E 189 27.31 -27.68 4.17
N LEU E 190 26.76 -28.59 3.39
CA LEU E 190 25.31 -28.85 3.28
C LEU E 190 25.13 -30.35 3.08
N SER E 191 24.17 -30.95 3.77
CA SER E 191 23.83 -32.39 3.66
C SER E 191 22.40 -32.56 3.15
N SER E 192 22.19 -33.52 2.27
CA SER E 192 20.85 -33.97 1.83
C SER E 192 20.81 -35.49 1.99
N ARG E 193 19.62 -36.01 2.25
CA ARG E 193 19.34 -37.45 2.21
C ARG E 193 18.24 -37.70 1.15
N LEU E 194 18.38 -38.81 0.42
CA LEU E 194 17.30 -39.40 -0.41
C LEU E 194 17.02 -40.79 0.16
N ARG E 195 15.77 -41.03 0.57
CA ARG E 195 15.33 -42.35 1.07
C ARG E 195 14.41 -42.99 0.01
N VAL E 196 14.75 -44.24 -0.35
CA VAL E 196 14.02 -45.11 -1.31
C VAL E 196 13.81 -46.46 -0.62
N SER E 197 12.98 -47.33 -1.19
CA SER E 197 12.81 -48.73 -0.69
C SER E 197 14.11 -49.48 -0.92
N ALA E 198 14.42 -50.46 -0.06
CA ALA E 198 15.63 -51.32 -0.13
C ALA E 198 15.69 -51.99 -1.50
N THR E 199 14.52 -52.34 -2.07
CA THR E 199 14.39 -53.07 -3.36
C THR E 199 14.63 -52.11 -4.55
N PHE E 200 14.47 -50.80 -4.38
CA PHE E 200 14.80 -49.77 -5.42
C PHE E 200 16.32 -49.51 -5.45
N TRP E 201 16.97 -49.46 -4.29
CA TRP E 201 18.44 -49.35 -4.17
C TRP E 201 19.09 -50.63 -4.71
N GLN E 202 18.54 -51.80 -4.43
CA GLN E 202 19.15 -53.09 -4.83
C GLN E 202 19.14 -53.27 -6.36
N ASP E 203 18.19 -52.66 -7.08
CA ASP E 203 18.03 -52.81 -8.55
C ASP E 203 19.12 -52.03 -9.27
N PRO E 204 20.15 -52.68 -9.86
CA PRO E 204 21.33 -51.99 -10.38
C PRO E 204 21.11 -51.14 -11.65
N ARG E 205 19.95 -51.29 -12.31
CA ARG E 205 19.52 -50.40 -13.43
C ARG E 205 19.29 -48.97 -12.93
N ASN E 206 19.20 -48.76 -11.60
CA ASN E 206 18.80 -47.48 -10.97
C ASN E 206 20.05 -46.62 -10.73
N HIS E 207 20.01 -45.39 -11.23
CA HIS E 207 21.12 -44.39 -11.19
C HIS E 207 20.74 -43.24 -10.24
N PHE E 208 21.55 -42.99 -9.22
CA PHE E 208 21.34 -41.91 -8.23
C PHE E 208 22.36 -40.78 -8.50
N ARG E 209 21.88 -39.56 -8.71
CA ARG E 209 22.77 -38.38 -8.83
C ARG E 209 22.32 -37.25 -7.88
N CYS E 210 23.27 -36.81 -7.08
CA CYS E 210 23.23 -35.55 -6.31
C CYS E 210 23.84 -34.40 -7.14
N GLN E 211 23.09 -33.34 -7.37
CA GLN E 211 23.50 -32.18 -8.20
C GLN E 211 23.48 -30.90 -7.36
N VAL E 212 24.60 -30.18 -7.30
CA VAL E 212 24.68 -28.90 -6.52
C VAL E 212 24.98 -27.78 -7.50
N GLN E 213 23.98 -26.96 -7.84
CA GLN E 213 24.17 -25.66 -8.53
C GLN E 213 24.85 -24.67 -7.57
N PHE E 214 26.00 -24.12 -7.97
CA PHE E 214 26.78 -23.09 -7.22
C PHE E 214 26.71 -21.78 -8.00
N TYR E 215 26.54 -20.67 -7.27
CA TYR E 215 26.58 -19.29 -7.79
C TYR E 215 27.86 -18.64 -7.32
N GLY E 216 28.68 -18.30 -8.31
CA GLY E 216 30.07 -17.80 -8.10
C GLY E 216 30.33 -16.63 -8.99
N LEU E 217 31.58 -16.51 -9.44
CA LEU E 217 32.02 -15.36 -10.24
C LEU E 217 31.41 -15.48 -11.63
N SER E 218 31.42 -14.37 -12.37
CA SER E 218 31.09 -14.33 -13.80
C SER E 218 32.37 -14.45 -14.63
N GLU E 219 32.19 -14.81 -15.91
CA GLU E 219 33.22 -14.80 -16.99
C GLU E 219 34.11 -13.57 -16.80
N ASN E 220 33.55 -12.36 -16.71
CA ASN E 220 34.38 -11.13 -16.79
C ASN E 220 34.95 -10.71 -15.43
N ASP E 221 34.74 -11.47 -14.33
CA ASP E 221 35.35 -11.08 -13.03
C ASP E 221 36.86 -11.20 -13.15
N GLU E 222 37.59 -10.32 -12.46
CA GLU E 222 39.07 -10.38 -12.43
C GLU E 222 39.43 -11.53 -11.49
N TRP E 223 40.55 -12.18 -11.79
CA TRP E 223 41.00 -13.38 -11.05
C TRP E 223 42.51 -13.42 -11.08
N THR E 224 43.10 -13.49 -9.91
CA THR E 224 44.56 -13.40 -9.67
C THR E 224 45.11 -14.71 -9.13
N GLN E 225 44.30 -15.71 -8.80
CA GLN E 225 44.79 -16.92 -8.11
C GLN E 225 45.30 -17.93 -9.15
N ASP E 226 46.21 -18.79 -8.73
CA ASP E 226 46.63 -20.00 -9.48
C ASP E 226 45.43 -20.78 -10.03
N ARG E 227 44.56 -21.23 -9.13
CA ARG E 227 43.45 -22.18 -9.41
C ARG E 227 42.48 -21.61 -10.42
N ALA E 228 41.70 -22.46 -11.09
CA ALA E 228 40.74 -22.03 -12.12
C ALA E 228 39.67 -21.19 -11.43
N LYS E 229 39.00 -20.34 -12.20
CA LYS E 229 38.11 -19.30 -11.66
C LYS E 229 36.85 -19.94 -11.13
N PRO E 230 36.42 -19.67 -9.88
CA PRO E 230 35.25 -20.30 -9.27
C PRO E 230 33.94 -19.67 -9.71
N VAL E 231 33.59 -19.87 -10.97
CA VAL E 231 32.37 -19.30 -11.58
C VAL E 231 31.16 -20.12 -11.13
N THR E 232 29.98 -19.60 -11.45
CA THR E 232 28.70 -20.35 -11.39
C THR E 232 28.88 -21.67 -12.17
N GLN E 233 28.56 -22.79 -11.54
CA GLN E 233 28.72 -24.14 -12.14
C GLN E 233 27.92 -25.19 -11.36
N ILE E 234 27.71 -26.35 -11.96
CA ILE E 234 27.00 -27.51 -11.34
C ILE E 234 28.06 -28.56 -11.04
N VAL E 235 28.19 -28.92 -9.76
CA VAL E 235 29.04 -30.05 -9.30
C VAL E 235 28.12 -31.19 -8.86
N SER E 236 28.36 -32.39 -9.39
CA SER E 236 27.54 -33.61 -9.18
C SER E 236 28.39 -34.74 -8.60
N ALA E 237 27.76 -35.69 -7.91
CA ALA E 237 28.33 -37.04 -7.65
C ALA E 237 27.22 -38.07 -7.83
N GLU E 238 27.59 -39.31 -8.13
CA GLU E 238 26.67 -40.37 -8.62
C GLU E 238 26.88 -41.66 -7.84
N ALA E 239 25.90 -42.56 -7.95
CA ALA E 239 26.00 -43.99 -7.55
C ALA E 239 24.91 -44.79 -8.28
N TRP E 240 25.23 -46.05 -8.60
CA TRP E 240 24.29 -47.03 -9.19
C TRP E 240 23.73 -47.90 -8.07
N GLY E 241 22.57 -48.49 -8.32
CA GLY E 241 21.98 -49.54 -7.46
C GLY E 241 22.93 -50.71 -7.30
N ARG E 242 22.96 -51.31 -6.11
CA ARG E 242 23.83 -52.47 -5.75
C ARG E 242 22.95 -53.56 -5.10
N ALA E 243 22.58 -54.58 -5.90
CA ALA E 243 21.92 -55.84 -5.48
C ALA E 243 22.79 -56.54 -4.44
N ASP E 244 24.11 -56.53 -4.67
CA ASP E 244 25.17 -56.92 -3.71
C ASP E 244 25.00 -56.08 -2.42
#